data_2IOH
#
_entry.id   2IOH
#
_cell.length_a   251.728
_cell.length_b   251.728
_cell.length_c   156.340
_cell.angle_alpha   90.000
_cell.angle_beta   90.000
_cell.angle_gamma   120.000
#
_symmetry.space_group_name_H-M   'H 3 2'
#
loop_
_entity.id
_entity.type
_entity.pdbx_description
1 polymer 'Phosphonoacetaldehyde hydrolase'
2 non-polymer 'PHOSPHATE ION'
3 non-polymer 'MAGNESIUM ION'
4 water water
#
_entity_poly.entity_id   1
_entity_poly.type   'polypeptide(L)'
_entity_poly.pdbx_seq_one_letter_code
;MDRMKIEAVIFDWAGTTVDYGCFAPLEVFMEIFHKRGVAITAEEARKPMGLLRIDHVRALTEMPRIASEWNRVFRQLPTE
ADIQEMYEEFEEILFAILPRYASPINGVKEVIASLRERGIKIGSTTGYTREMMDIVAKEAALQGYKPDFLVTPDDVPAGR
PYPWMCYKNAMELGVYPMNHMIKVGDTVSDMKEGRNAGMWTVGVILGSSELGLTEEEVENMDSVELREKIEVVRNRFVEN
GAHFTIETMQELESVMEHIEKQELIIS
;
_entity_poly.pdbx_strand_id   A,B,C,D
#
loop_
_chem_comp.id
_chem_comp.type
_chem_comp.name
_chem_comp.formula
MG non-polymer 'MAGNESIUM ION' 'Mg 2'
PO4 non-polymer 'PHOSPHATE ION' 'O4 P -3'
#
# COMPACT_ATOMS: atom_id res chain seq x y z
N LYS A 5 14.41 16.55 24.78
CA LYS A 5 13.84 16.53 23.40
C LYS A 5 14.76 15.69 22.47
N ILE A 6 15.98 15.42 22.92
CA ILE A 6 16.96 14.59 22.20
C ILE A 6 17.59 13.61 23.18
N GLU A 7 17.10 12.38 23.16
CA GLU A 7 17.57 11.37 24.09
C GLU A 7 18.82 10.58 23.72
N ALA A 8 19.10 10.44 22.43
CA ALA A 8 20.26 9.66 22.04
C ALA A 8 21.05 10.20 20.86
N VAL A 9 22.35 9.90 20.87
CA VAL A 9 23.27 10.28 19.81
C VAL A 9 23.97 8.98 19.43
N ILE A 10 23.97 8.64 18.16
CA ILE A 10 24.65 7.42 17.72
C ILE A 10 25.83 7.74 16.81
N PHE A 11 27.01 7.33 17.26
CA PHE A 11 28.27 7.59 16.57
C PHE A 11 28.74 6.51 15.62
N ASP A 12 29.54 6.91 14.63
CA ASP A 12 30.15 5.98 13.69
C ASP A 12 31.47 5.63 14.40
N TRP A 13 32.26 4.73 13.84
CA TRP A 13 33.52 4.39 14.50
C TRP A 13 34.75 5.03 13.82
N ALA A 14 35.43 4.27 12.97
CA ALA A 14 36.63 4.78 12.30
C ALA A 14 36.34 6.11 11.62
N GLY A 15 37.17 7.11 11.94
CA GLY A 15 37.03 8.43 11.38
C GLY A 15 36.12 9.36 12.17
N THR A 16 35.50 8.84 13.23
CA THR A 16 34.59 9.62 14.05
C THR A 16 34.97 9.59 15.55
N THR A 17 35.31 8.40 16.05
CA THR A 17 35.70 8.26 17.45
C THR A 17 37.03 7.50 17.55
N VAL A 18 37.37 6.77 16.50
CA VAL A 18 38.56 5.96 16.48
C VAL A 18 39.25 6.07 15.11
N ASP A 19 40.56 5.81 15.09
CA ASP A 19 41.35 5.85 13.87
C ASP A 19 41.25 7.16 13.09
N TYR A 20 41.90 8.20 13.60
CA TYR A 20 41.89 9.51 12.96
C TYR A 20 42.32 9.38 11.49
N GLY A 21 41.58 10.01 10.59
CA GLY A 21 41.90 9.93 9.18
C GLY A 21 41.52 8.60 8.57
N CYS A 22 41.30 7.59 9.43
CA CYS A 22 40.89 6.27 8.97
C CYS A 22 41.98 5.62 8.11
N PHE A 23 43.05 5.15 8.76
CA PHE A 23 44.18 4.56 8.04
C PHE A 23 44.38 3.06 8.07
N ALA A 24 43.80 2.38 9.04
CA ALA A 24 43.96 0.94 9.15
C ALA A 24 43.96 0.23 7.79
N PRO A 25 42.91 0.45 6.97
CA PRO A 25 42.82 -0.19 5.65
C PRO A 25 43.98 0.14 4.70
N LEU A 26 44.32 1.42 4.60
CA LEU A 26 45.41 1.86 3.74
C LEU A 26 46.72 1.18 4.14
N GLU A 27 46.88 0.97 5.45
CA GLU A 27 48.07 0.33 5.99
C GLU A 27 48.25 -1.08 5.46
N VAL A 28 47.17 -1.85 5.44
CA VAL A 28 47.25 -3.22 4.94
C VAL A 28 47.64 -3.24 3.45
N PHE A 29 46.99 -2.40 2.65
CA PHE A 29 47.29 -2.32 1.23
C PHE A 29 48.75 -2.02 0.99
N MET A 30 49.29 -1.08 1.74
CA MET A 30 50.69 -0.71 1.59
C MET A 30 51.62 -1.83 2.01
N GLU A 31 51.23 -2.53 3.06
CA GLU A 31 52.01 -3.64 3.59
C GLU A 31 52.16 -4.76 2.57
N ILE A 32 51.02 -5.21 2.05
CA ILE A 32 50.94 -6.29 1.08
C ILE A 32 51.79 -6.12 -0.15
N PHE A 33 51.83 -4.90 -0.68
CA PHE A 33 52.65 -4.65 -1.86
C PHE A 33 54.10 -4.53 -1.45
N HIS A 34 54.32 -4.10 -0.21
CA HIS A 34 55.67 -3.92 0.31
C HIS A 34 56.43 -5.24 0.41
N LYS A 35 55.75 -6.25 0.95
CA LYS A 35 56.32 -7.58 1.13
C LYS A 35 57.02 -8.04 -0.15
N ARG A 36 56.69 -7.39 -1.27
CA ARG A 36 57.28 -7.69 -2.58
C ARG A 36 57.81 -6.36 -3.12
N GLY A 37 57.59 -6.09 -4.40
CA GLY A 37 58.05 -4.83 -4.97
C GLY A 37 57.02 -3.71 -4.86
N VAL A 38 56.75 -3.27 -3.62
CA VAL A 38 55.76 -2.23 -3.33
C VAL A 38 55.86 -0.94 -4.14
N ALA A 39 56.31 0.12 -3.48
CA ALA A 39 56.43 1.43 -4.08
C ALA A 39 55.00 1.97 -4.18
N ILE A 40 54.30 2.02 -3.05
CA ILE A 40 52.94 2.51 -3.05
C ILE A 40 52.67 3.56 -2.00
N THR A 41 52.05 4.66 -2.44
CA THR A 41 51.72 5.79 -1.57
C THR A 41 50.30 5.64 -1.03
N ALA A 42 50.07 6.14 0.18
CA ALA A 42 48.75 6.06 0.81
C ALA A 42 47.72 6.88 0.06
N GLU A 43 48.17 7.66 -0.90
CA GLU A 43 47.28 8.48 -1.71
C GLU A 43 46.64 7.61 -2.78
N GLU A 44 47.40 6.64 -3.28
CA GLU A 44 46.94 5.71 -4.30
C GLU A 44 45.95 4.70 -3.70
N ALA A 45 46.20 4.32 -2.45
CA ALA A 45 45.37 3.36 -1.73
C ALA A 45 43.97 3.84 -1.42
N ARG A 46 43.75 5.15 -1.43
CA ARG A 46 42.43 5.69 -1.12
C ARG A 46 41.52 5.76 -2.33
N LYS A 47 42.10 5.78 -3.52
CA LYS A 47 41.29 5.87 -4.73
C LYS A 47 40.29 4.73 -4.93
N PRO A 48 40.74 3.48 -4.89
CA PRO A 48 39.85 2.33 -5.06
C PRO A 48 38.55 2.40 -4.26
N MET A 49 37.43 2.50 -4.98
CA MET A 49 36.12 2.54 -4.35
C MET A 49 35.20 1.50 -5.01
N GLY A 50 35.84 0.44 -5.53
CA GLY A 50 35.10 -0.63 -6.18
C GLY A 50 34.16 -1.35 -5.23
N LEU A 51 33.42 -2.33 -5.77
CA LEU A 51 32.46 -3.08 -4.97
C LEU A 51 33.08 -3.97 -3.91
N LEU A 52 33.88 -4.94 -4.33
CA LEU A 52 34.53 -5.90 -3.43
C LEU A 52 36.00 -5.58 -3.15
N ARG A 53 36.52 -6.16 -2.07
CA ARG A 53 37.91 -5.97 -1.66
C ARG A 53 38.86 -6.45 -2.73
N ILE A 54 38.56 -7.60 -3.32
CA ILE A 54 39.41 -8.14 -4.36
C ILE A 54 39.48 -7.15 -5.51
N ASP A 55 38.36 -6.46 -5.75
CA ASP A 55 38.31 -5.46 -6.82
C ASP A 55 39.29 -4.32 -6.51
N HIS A 56 39.50 -4.05 -5.22
CA HIS A 56 40.42 -3.00 -4.81
C HIS A 56 41.85 -3.42 -5.17
N VAL A 57 42.23 -4.63 -4.78
CA VAL A 57 43.56 -5.13 -5.08
C VAL A 57 43.82 -5.09 -6.58
N ARG A 58 42.83 -5.51 -7.35
CA ARG A 58 42.92 -5.52 -8.82
C ARG A 58 43.16 -4.11 -9.36
N ALA A 59 42.44 -3.14 -8.80
CA ALA A 59 42.55 -1.74 -9.20
C ALA A 59 43.97 -1.20 -9.11
N LEU A 60 44.69 -1.58 -8.05
CA LEU A 60 46.06 -1.14 -7.86
C LEU A 60 46.93 -1.80 -8.92
N THR A 61 46.58 -3.03 -9.27
CA THR A 61 47.29 -3.78 -10.30
C THR A 61 47.20 -3.00 -11.60
N GLU A 62 45.97 -2.62 -11.95
CA GLU A 62 45.67 -1.86 -13.16
C GLU A 62 46.39 -0.50 -13.23
N MET A 63 46.45 0.19 -12.11
CA MET A 63 47.08 1.51 -12.05
C MET A 63 48.45 1.57 -12.71
N PRO A 64 48.58 2.36 -13.80
CA PRO A 64 49.88 2.49 -14.49
C PRO A 64 50.85 3.00 -13.44
N ARG A 65 52.15 2.80 -13.67
CA ARG A 65 53.16 3.25 -12.71
C ARG A 65 53.36 2.11 -11.71
N ILE A 66 52.27 1.67 -11.09
CA ILE A 66 52.34 0.55 -10.16
C ILE A 66 52.55 -0.68 -11.01
N ALA A 67 51.81 -0.76 -12.12
CA ALA A 67 51.95 -1.88 -13.03
C ALA A 67 53.40 -1.95 -13.49
N SER A 68 53.89 -0.82 -14.01
CA SER A 68 55.25 -0.70 -14.51
C SER A 68 56.29 -1.16 -13.49
N GLU A 69 56.11 -0.74 -12.24
CA GLU A 69 57.01 -1.11 -11.16
C GLU A 69 57.04 -2.63 -11.00
N TRP A 70 55.85 -3.24 -10.94
CA TRP A 70 55.73 -4.68 -10.80
C TRP A 70 56.50 -5.38 -11.92
N ASN A 71 56.37 -4.84 -13.14
CA ASN A 71 57.05 -5.43 -14.30
C ASN A 71 58.57 -5.34 -14.21
N ARG A 72 59.08 -4.25 -13.67
CA ARG A 72 60.53 -4.08 -13.54
C ARG A 72 61.10 -4.98 -12.47
N VAL A 73 60.23 -5.45 -11.58
CA VAL A 73 60.65 -6.31 -10.49
C VAL A 73 60.48 -7.79 -10.81
N PHE A 74 59.46 -8.10 -11.61
CA PHE A 74 59.19 -9.48 -11.96
C PHE A 74 59.24 -9.77 -13.47
N ARG A 75 59.52 -8.74 -14.27
CA ARG A 75 59.60 -8.88 -15.72
C ARG A 75 58.29 -9.41 -16.31
N GLN A 76 57.21 -9.28 -15.55
CA GLN A 76 55.90 -9.78 -15.98
C GLN A 76 54.79 -8.91 -15.38
N LEU A 77 53.63 -8.87 -16.03
CA LEU A 77 52.52 -8.10 -15.49
C LEU A 77 51.79 -8.94 -14.45
N PRO A 78 51.17 -8.29 -13.45
CA PRO A 78 50.44 -9.00 -12.39
C PRO A 78 49.46 -10.03 -12.97
N THR A 79 49.30 -11.13 -12.24
CA THR A 79 48.45 -12.26 -12.62
C THR A 79 47.19 -12.44 -11.77
N GLU A 80 46.21 -13.20 -12.27
CA GLU A 80 44.99 -13.47 -11.50
C GLU A 80 45.49 -14.21 -10.29
N ALA A 81 46.45 -15.11 -10.53
CA ALA A 81 47.03 -15.89 -9.47
C ALA A 81 47.62 -14.94 -8.44
N ASP A 82 48.32 -13.91 -8.92
CA ASP A 82 48.93 -12.92 -8.04
C ASP A 82 47.90 -12.11 -7.26
N ILE A 83 46.94 -11.54 -7.97
CA ILE A 83 45.89 -10.76 -7.33
C ILE A 83 45.24 -11.62 -6.23
N GLN A 84 44.97 -12.88 -6.56
CA GLN A 84 44.37 -13.82 -5.64
C GLN A 84 45.25 -14.07 -4.41
N GLU A 85 46.54 -14.19 -4.64
CA GLU A 85 47.49 -14.45 -3.55
C GLU A 85 47.56 -13.29 -2.57
N MET A 86 47.51 -12.06 -3.09
CA MET A 86 47.58 -10.89 -2.23
C MET A 86 46.30 -10.70 -1.44
N TYR A 87 45.16 -10.64 -2.13
CA TYR A 87 43.87 -10.47 -1.47
C TYR A 87 43.70 -11.46 -0.31
N GLU A 88 44.04 -12.71 -0.60
CA GLU A 88 43.94 -13.79 0.36
C GLU A 88 44.64 -13.43 1.66
N GLU A 89 45.61 -12.55 1.56
CA GLU A 89 46.44 -12.12 2.68
C GLU A 89 45.92 -10.88 3.39
N PHE A 90 45.10 -10.10 2.70
CA PHE A 90 44.55 -8.86 3.24
C PHE A 90 43.90 -9.02 4.61
N GLU A 91 42.98 -9.97 4.73
CA GLU A 91 42.27 -10.15 5.99
C GLU A 91 43.15 -10.58 7.14
N GLU A 92 44.19 -11.35 6.84
CA GLU A 92 45.08 -11.80 7.89
C GLU A 92 45.76 -10.61 8.56
N ILE A 93 46.39 -9.77 7.74
CA ILE A 93 47.10 -8.59 8.21
C ILE A 93 46.18 -7.56 8.89
N LEU A 94 44.98 -7.40 8.36
CA LEU A 94 44.02 -6.46 8.90
C LEU A 94 43.79 -6.74 10.39
N PHE A 95 43.50 -7.99 10.73
CA PHE A 95 43.28 -8.37 12.13
C PHE A 95 44.51 -8.05 12.97
N ALA A 96 45.68 -8.25 12.37
CA ALA A 96 46.95 -8.05 13.05
C ALA A 96 47.26 -6.63 13.46
N ILE A 97 46.85 -5.66 12.65
CA ILE A 97 47.15 -4.27 12.98
C ILE A 97 46.02 -3.40 13.50
N LEU A 98 44.80 -3.94 13.54
CA LEU A 98 43.66 -3.17 14.02
C LEU A 98 43.88 -2.58 15.41
N PRO A 99 44.46 -3.37 16.34
CA PRO A 99 44.66 -2.80 17.68
C PRO A 99 45.41 -1.49 17.68
N ARG A 100 46.28 -1.30 16.70
CA ARG A 100 47.06 -0.08 16.63
C ARG A 100 46.28 1.16 16.17
N TYR A 101 45.08 0.96 15.65
CA TYR A 101 44.27 2.07 15.19
C TYR A 101 42.93 2.06 15.91
N ALA A 102 42.97 1.98 17.23
CA ALA A 102 41.76 1.93 18.04
C ALA A 102 41.79 2.92 19.20
N SER A 103 42.44 4.06 19.02
CA SER A 103 42.49 5.05 20.08
C SER A 103 41.56 6.22 19.83
N PRO A 104 40.79 6.59 20.85
CA PRO A 104 39.85 7.71 20.77
C PRO A 104 40.49 8.91 20.06
N ILE A 105 39.74 9.53 19.15
CA ILE A 105 40.24 10.67 18.38
C ILE A 105 40.51 11.94 19.17
N ASN A 106 40.39 11.89 20.49
CA ASN A 106 40.70 13.07 21.29
C ASN A 106 39.67 14.19 21.17
N GLY A 107 39.04 14.49 22.30
CA GLY A 107 37.97 15.48 22.44
C GLY A 107 36.76 14.58 22.57
N VAL A 108 36.88 13.40 21.97
CA VAL A 108 35.84 12.40 21.98
C VAL A 108 35.47 12.01 23.40
N LYS A 109 36.30 11.15 24.02
CA LYS A 109 36.03 10.69 25.38
C LYS A 109 35.57 11.79 26.34
N GLU A 110 35.86 13.04 25.99
CA GLU A 110 35.49 14.16 26.83
C GLU A 110 34.06 14.63 26.59
N VAL A 111 33.58 14.52 25.36
CA VAL A 111 32.22 14.92 25.08
C VAL A 111 31.31 13.75 25.45
N ILE A 112 31.84 12.54 25.29
CA ILE A 112 31.09 11.34 25.64
C ILE A 112 30.97 11.35 27.16
N ALA A 113 31.97 11.96 27.80
CA ALA A 113 31.99 12.09 29.25
C ALA A 113 30.78 12.93 29.58
N SER A 114 30.71 14.10 28.95
CA SER A 114 29.56 14.98 29.12
C SER A 114 28.48 14.22 28.34
N LEU A 115 27.39 14.87 27.97
CA LEU A 115 26.32 14.17 27.23
C LEU A 115 25.80 13.04 28.12
N ARG A 116 26.70 12.14 28.50
CA ARG A 116 26.34 11.02 29.36
C ARG A 116 26.06 11.54 30.76
N GLU A 117 26.62 12.70 31.09
CA GLU A 117 26.41 13.32 32.39
C GLU A 117 25.00 13.88 32.42
N ARG A 118 24.58 14.49 31.31
CA ARG A 118 23.25 15.08 31.20
C ARG A 118 22.18 14.08 30.74
N GLY A 119 22.47 12.78 30.92
CA GLY A 119 21.53 11.72 30.58
C GLY A 119 21.28 11.29 29.13
N ILE A 120 22.23 11.52 28.23
CA ILE A 120 22.06 11.12 26.84
C ILE A 120 22.63 9.74 26.61
N LYS A 121 21.88 8.88 25.93
CA LYS A 121 22.36 7.53 25.65
C LYS A 121 23.19 7.54 24.36
N ILE A 122 24.25 6.73 24.34
CA ILE A 122 25.15 6.67 23.18
C ILE A 122 25.20 5.29 22.52
N GLY A 123 24.76 5.24 21.27
CA GLY A 123 24.78 3.99 20.50
C GLY A 123 25.75 4.16 19.34
N SER A 124 25.75 3.23 18.39
CA SER A 124 26.67 3.34 17.27
C SER A 124 26.44 2.27 16.20
N THR A 125 27.00 2.50 15.02
CA THR A 125 26.91 1.56 13.91
C THR A 125 28.30 1.53 13.25
N THR A 126 28.48 0.63 12.28
CA THR A 126 29.78 0.52 11.62
C THR A 126 29.71 -0.30 10.35
N GLY A 127 30.75 -0.17 9.53
CA GLY A 127 30.82 -0.91 8.29
C GLY A 127 31.61 -2.17 8.56
N TYR A 128 32.30 -2.19 9.70
CA TYR A 128 33.12 -3.32 10.12
C TYR A 128 32.27 -4.56 10.42
N THR A 129 32.87 -5.73 10.22
CA THR A 129 32.18 -6.99 10.49
C THR A 129 32.22 -7.24 11.99
N ARG A 130 31.53 -8.28 12.44
CA ARG A 130 31.50 -8.59 13.86
C ARG A 130 32.89 -8.91 14.39
N GLU A 131 33.61 -9.74 13.64
CA GLU A 131 34.96 -10.16 14.02
C GLU A 131 35.81 -8.93 14.30
N MET A 132 36.09 -8.18 13.25
CA MET A 132 36.88 -6.99 13.35
C MET A 132 36.54 -6.17 14.60
N MET A 133 35.25 -5.95 14.80
CA MET A 133 34.76 -5.17 15.93
C MET A 133 35.04 -5.70 17.33
N ASP A 134 35.20 -7.01 17.47
CA ASP A 134 35.51 -7.57 18.80
C ASP A 134 36.86 -7.02 19.22
N ILE A 135 37.78 -7.03 18.27
CA ILE A 135 39.14 -6.54 18.47
C ILE A 135 39.15 -5.04 18.76
N VAL A 136 38.56 -4.27 17.85
CA VAL A 136 38.50 -2.82 17.96
C VAL A 136 37.82 -2.31 19.23
N ALA A 137 36.66 -2.90 19.55
CA ALA A 137 35.90 -2.51 20.73
C ALA A 137 36.69 -2.71 22.02
N LYS A 138 37.42 -3.83 22.11
CA LYS A 138 38.21 -4.12 23.29
C LYS A 138 39.35 -3.14 23.52
N GLU A 139 40.08 -2.81 22.45
CA GLU A 139 41.18 -1.86 22.57
C GLU A 139 40.64 -0.48 22.89
N ALA A 140 39.59 -0.10 22.16
CA ALA A 140 38.98 1.20 22.35
C ALA A 140 38.43 1.33 23.76
N ALA A 141 37.81 0.26 24.25
CA ALA A 141 37.23 0.26 25.59
C ALA A 141 38.33 0.49 26.60
N LEU A 142 39.31 -0.40 26.56
CA LEU A 142 40.46 -0.37 27.45
C LEU A 142 41.33 0.87 27.22
N GLN A 143 40.70 1.97 26.78
CA GLN A 143 41.41 3.21 26.53
C GLN A 143 40.59 4.48 26.67
N GLY A 144 39.40 4.37 27.27
CA GLY A 144 38.59 5.55 27.46
C GLY A 144 37.33 5.71 26.64
N TYR A 145 37.02 4.74 25.77
CA TYR A 145 35.81 4.82 24.96
C TYR A 145 35.03 3.52 24.92
N LYS A 146 33.73 3.62 25.19
CA LYS A 146 32.87 2.45 25.19
C LYS A 146 31.41 2.92 25.14
N PRO A 147 30.73 2.73 23.99
CA PRO A 147 29.34 3.14 23.83
C PRO A 147 28.36 2.26 24.61
N ASP A 148 27.15 2.77 24.83
CA ASP A 148 26.11 2.03 25.54
C ASP A 148 25.67 0.82 24.71
N PHE A 149 25.76 0.94 23.39
CA PHE A 149 25.36 -0.16 22.52
C PHE A 149 26.19 -0.21 21.22
N LEU A 150 26.12 -1.34 20.52
CA LEU A 150 26.89 -1.54 19.29
C LEU A 150 26.16 -2.45 18.31
N VAL A 151 26.15 -2.08 17.03
CA VAL A 151 25.48 -2.90 16.01
C VAL A 151 26.33 -3.00 14.75
N THR A 152 26.32 -4.15 14.06
CA THR A 152 27.11 -4.34 12.85
C THR A 152 26.28 -4.84 11.65
N PRO A 153 26.83 -4.77 10.43
CA PRO A 153 26.06 -5.22 9.26
C PRO A 153 25.67 -6.69 9.34
N ASP A 154 26.21 -7.39 10.32
CA ASP A 154 25.90 -8.80 10.48
C ASP A 154 24.60 -9.02 11.25
N ASP A 155 24.32 -8.10 12.17
CA ASP A 155 23.12 -8.18 13.00
C ASP A 155 21.84 -7.78 12.30
N VAL A 156 21.90 -7.53 11.00
CA VAL A 156 20.70 -7.12 10.28
C VAL A 156 20.70 -7.61 8.85
N PRO A 157 19.57 -7.48 8.14
CA PRO A 157 19.50 -7.94 6.75
C PRO A 157 20.36 -7.22 5.73
N ALA A 158 20.78 -5.98 6.01
CA ALA A 158 21.58 -5.24 5.04
C ALA A 158 22.69 -4.37 5.60
N GLY A 159 23.49 -3.86 4.67
CA GLY A 159 24.63 -3.01 4.97
C GLY A 159 24.29 -1.64 5.52
N ARG A 160 25.09 -0.64 5.13
CA ARG A 160 24.89 0.71 5.66
C ARG A 160 24.03 1.66 4.90
N PRO A 161 24.04 1.62 3.56
CA PRO A 161 23.11 2.65 3.05
C PRO A 161 21.72 2.59 3.73
N TYR A 162 21.28 1.39 4.12
CA TYR A 162 19.97 1.16 4.78
C TYR A 162 19.93 1.55 6.26
N PRO A 163 18.73 1.84 6.81
CA PRO A 163 18.53 2.23 8.22
C PRO A 163 18.37 1.13 9.29
N TRP A 164 18.47 -0.14 8.89
CA TRP A 164 18.31 -1.29 9.78
C TRP A 164 19.13 -1.26 11.07
N MET A 165 20.40 -0.86 10.99
CA MET A 165 21.25 -0.80 12.18
C MET A 165 20.82 0.32 13.11
N CYS A 166 20.27 1.39 12.54
CA CYS A 166 19.80 2.51 13.37
C CYS A 166 18.54 2.10 14.17
N TYR A 167 17.59 1.45 13.51
CA TYR A 167 16.39 0.99 14.20
C TYR A 167 16.78 0.06 15.37
N LYS A 168 17.83 -0.75 15.17
CA LYS A 168 18.27 -1.65 16.24
C LYS A 168 18.74 -0.88 17.45
N ASN A 169 19.53 0.16 17.23
CA ASN A 169 20.01 0.99 18.32
C ASN A 169 18.83 1.57 19.10
N ALA A 170 17.79 1.94 18.36
CA ALA A 170 16.56 2.52 18.92
C ALA A 170 15.86 1.57 19.90
N MET A 171 15.56 0.35 19.46
CA MET A 171 14.90 -0.65 20.28
C MET A 171 15.68 -0.93 21.55
N GLU A 172 16.95 -1.31 21.39
CA GLU A 172 17.81 -1.64 22.51
C GLU A 172 18.03 -0.47 23.48
N LEU A 173 18.04 0.76 22.98
CA LEU A 173 18.24 1.92 23.86
C LEU A 173 16.94 2.46 24.44
N GLY A 174 15.81 2.07 23.84
CA GLY A 174 14.53 2.53 24.32
C GLY A 174 14.19 3.99 24.05
N VAL A 175 14.56 4.48 22.87
CA VAL A 175 14.28 5.86 22.48
C VAL A 175 13.47 5.72 21.20
N TYR A 176 12.32 6.39 21.07
CA TYR A 176 11.61 6.12 19.82
C TYR A 176 11.31 7.16 18.76
N PRO A 177 10.72 8.31 19.11
CA PRO A 177 10.51 9.19 17.95
C PRO A 177 11.92 9.30 17.32
N MET A 178 12.10 8.81 16.10
CA MET A 178 13.44 8.83 15.48
C MET A 178 14.11 10.21 15.48
N ASN A 179 13.30 11.26 15.30
CA ASN A 179 13.82 12.62 15.27
C ASN A 179 14.21 13.12 16.66
N HIS A 180 14.43 12.17 17.58
CA HIS A 180 14.86 12.51 18.93
C HIS A 180 16.29 12.00 19.03
N MET A 181 16.83 11.57 17.90
CA MET A 181 18.18 11.04 17.85
C MET A 181 19.04 11.78 16.81
N ILE A 182 20.34 11.81 17.04
CA ILE A 182 21.27 12.45 16.11
C ILE A 182 22.25 11.41 15.58
N LYS A 183 22.59 11.50 14.30
CA LYS A 183 23.55 10.58 13.68
C LYS A 183 24.82 11.36 13.35
N VAL A 184 25.96 10.89 13.85
CA VAL A 184 27.22 11.58 13.56
C VAL A 184 28.15 10.62 12.82
N GLY A 185 28.70 11.10 11.71
CA GLY A 185 29.61 10.29 10.90
C GLY A 185 30.65 11.09 10.13
N ASP A 186 31.58 10.37 9.51
CA ASP A 186 32.66 11.00 8.77
C ASP A 186 32.65 10.84 7.24
N THR A 187 31.61 10.22 6.68
CA THR A 187 31.57 10.03 5.23
C THR A 187 30.21 10.33 4.61
N VAL A 188 30.14 10.28 3.28
CA VAL A 188 28.91 10.54 2.59
C VAL A 188 27.86 9.49 2.93
N SER A 189 28.27 8.22 3.00
CA SER A 189 27.32 7.16 3.32
C SER A 189 26.75 7.36 4.73
N ASP A 190 27.53 7.94 5.63
CA ASP A 190 27.03 8.19 6.98
C ASP A 190 25.84 9.15 6.91
N MET A 191 25.90 10.09 5.97
CA MET A 191 24.83 11.05 5.84
C MET A 191 23.58 10.34 5.36
N LYS A 192 23.71 9.52 4.33
CA LYS A 192 22.58 8.77 3.79
C LYS A 192 21.89 7.89 4.83
N GLU A 193 22.65 7.06 5.53
CA GLU A 193 22.10 6.19 6.55
C GLU A 193 21.23 7.02 7.49
N GLY A 194 21.77 8.14 7.97
CA GLY A 194 21.01 9.00 8.86
C GLY A 194 19.72 9.54 8.27
N ARG A 195 19.77 10.09 7.07
CA ARG A 195 18.56 10.64 6.46
C ARG A 195 17.55 9.52 6.23
N ASN A 196 18.03 8.31 5.96
CA ASN A 196 17.13 7.19 5.73
C ASN A 196 16.41 6.67 6.97
N ALA A 197 16.91 7.02 8.14
CA ALA A 197 16.29 6.57 9.39
C ALA A 197 15.46 7.68 10.03
N GLY A 198 15.35 8.81 9.33
CA GLY A 198 14.59 9.93 9.85
C GLY A 198 15.22 10.62 11.05
N MET A 199 16.55 10.63 11.09
CA MET A 199 17.31 11.25 12.18
C MET A 199 17.95 12.60 11.79
N TRP A 200 18.40 13.34 12.78
CA TRP A 200 19.11 14.59 12.54
C TRP A 200 20.49 14.09 12.23
N THR A 201 21.03 14.41 11.06
CA THR A 201 22.37 13.92 10.72
C THR A 201 23.42 15.04 10.64
N VAL A 202 24.52 14.82 11.37
CA VAL A 202 25.64 15.76 11.44
C VAL A 202 26.97 15.14 10.97
N GLY A 203 27.72 15.85 10.14
CA GLY A 203 28.99 15.34 9.67
C GLY A 203 30.21 16.06 10.24
N VAL A 204 31.22 15.29 10.67
CA VAL A 204 32.46 15.86 11.23
C VAL A 204 33.52 15.91 10.13
N ILE A 205 34.27 17.01 10.08
CA ILE A 205 35.29 17.18 9.03
C ILE A 205 36.75 16.87 9.39
N LEU A 206 37.30 17.53 10.40
CA LEU A 206 38.70 17.28 10.78
C LEU A 206 38.91 15.89 11.34
N GLY A 207 39.49 15.01 10.54
CA GLY A 207 39.74 13.65 10.98
C GLY A 207 38.95 12.62 10.18
N SER A 208 38.13 13.11 9.25
CA SER A 208 37.30 12.25 8.43
C SER A 208 38.10 11.62 7.33
N SER A 209 37.47 10.71 6.61
CA SER A 209 38.11 10.04 5.48
C SER A 209 37.92 10.97 4.30
N GLU A 210 36.77 11.63 4.28
CA GLU A 210 36.45 12.55 3.21
C GLU A 210 37.59 13.58 3.10
N LEU A 211 38.15 13.99 4.25
CA LEU A 211 39.27 14.94 4.24
C LEU A 211 40.55 14.23 3.77
N GLY A 212 40.89 13.11 4.40
CA GLY A 212 42.06 12.35 3.99
C GLY A 212 43.40 12.73 4.61
N LEU A 213 43.41 13.73 5.48
CA LEU A 213 44.66 14.16 6.10
C LEU A 213 44.93 13.44 7.40
N THR A 214 46.21 13.43 7.77
CA THR A 214 46.69 12.80 8.99
C THR A 214 46.73 13.82 10.12
N GLU A 215 46.54 13.34 11.34
CA GLU A 215 46.59 14.18 12.53
C GLU A 215 47.82 15.09 12.41
N GLU A 216 48.93 14.50 11.98
CA GLU A 216 50.19 15.21 11.82
C GLU A 216 50.18 16.16 10.63
N GLU A 217 49.70 15.71 9.48
CA GLU A 217 49.65 16.56 8.30
C GLU A 217 48.85 17.83 8.55
N VAL A 218 47.69 17.69 9.20
CA VAL A 218 46.83 18.84 9.50
C VAL A 218 47.61 19.83 10.37
N GLU A 219 48.32 19.29 11.36
CA GLU A 219 49.14 20.07 12.30
C GLU A 219 49.96 21.13 11.55
N ASN A 220 50.60 20.68 10.47
CA ASN A 220 51.41 21.53 9.62
C ASN A 220 50.48 22.24 8.63
N MET A 221 50.65 21.93 7.34
CA MET A 221 49.88 22.50 6.23
C MET A 221 49.57 23.99 6.30
N ASP A 222 49.55 24.63 5.13
CA ASP A 222 49.26 26.06 5.04
C ASP A 222 47.84 26.36 5.54
N SER A 223 47.76 27.09 6.65
CA SER A 223 46.49 27.44 7.26
C SER A 223 45.39 27.93 6.31
N VAL A 224 45.79 28.51 5.19
CA VAL A 224 44.82 28.99 4.22
C VAL A 224 44.42 27.89 3.24
N GLU A 225 45.23 26.84 3.16
CA GLU A 225 44.94 25.72 2.27
C GLU A 225 43.98 24.76 2.99
N LEU A 226 44.11 24.68 4.31
CA LEU A 226 43.27 23.83 5.12
C LEU A 226 41.84 24.35 5.03
N ARG A 227 41.64 25.61 5.42
CA ARG A 227 40.33 26.23 5.37
C ARG A 227 39.68 26.13 4.01
N GLU A 228 40.48 25.84 2.99
CA GLU A 228 39.92 25.69 1.66
C GLU A 228 39.46 24.24 1.52
N LYS A 229 40.30 23.31 1.94
CA LYS A 229 39.99 21.88 1.86
C LYS A 229 38.84 21.49 2.78
N ILE A 230 38.71 22.18 3.92
CA ILE A 230 37.62 21.90 4.84
C ILE A 230 36.31 22.30 4.16
N GLU A 231 36.33 23.47 3.54
CA GLU A 231 35.16 24.00 2.86
C GLU A 231 34.67 23.09 1.74
N VAL A 232 35.54 22.24 1.22
CA VAL A 232 35.15 21.34 0.14
C VAL A 232 34.39 20.14 0.70
N VAL A 233 34.91 19.58 1.79
CA VAL A 233 34.28 18.43 2.42
C VAL A 233 32.92 18.82 2.98
N ARG A 234 32.84 20.01 3.59
CA ARG A 234 31.60 20.49 4.17
C ARG A 234 30.51 20.59 3.10
N ASN A 235 30.89 21.02 1.91
CA ASN A 235 29.96 21.15 0.80
C ASN A 235 29.47 19.82 0.30
N ARG A 236 30.31 18.80 0.39
CA ARG A 236 29.96 17.47 -0.06
C ARG A 236 28.94 16.86 0.91
N PHE A 237 29.20 17.00 2.20
CA PHE A 237 28.30 16.48 3.23
C PHE A 237 26.89 17.02 3.04
N VAL A 238 26.79 18.35 3.02
CA VAL A 238 25.51 19.01 2.84
C VAL A 238 24.81 18.53 1.59
N GLU A 239 25.49 18.57 0.46
CA GLU A 239 24.90 18.14 -0.80
C GLU A 239 24.47 16.67 -0.74
N ASN A 240 24.73 16.00 0.37
CA ASN A 240 24.36 14.59 0.50
C ASN A 240 23.47 14.25 1.68
N GLY A 241 22.99 15.26 2.40
CA GLY A 241 22.09 14.98 3.51
C GLY A 241 22.36 15.63 4.86
N ALA A 242 23.61 15.97 5.15
CA ALA A 242 23.93 16.57 6.44
C ALA A 242 23.01 17.74 6.79
N HIS A 243 22.55 17.78 8.04
CA HIS A 243 21.69 18.87 8.50
C HIS A 243 22.62 19.95 9.05
N PHE A 244 23.73 19.51 9.60
CA PHE A 244 24.73 20.39 10.17
C PHE A 244 26.10 19.72 10.04
N THR A 245 27.15 20.55 9.96
CA THR A 245 28.52 20.06 9.86
C THR A 245 29.32 20.68 11.00
N ILE A 246 30.41 20.03 11.41
CA ILE A 246 31.24 20.54 12.49
C ILE A 246 32.68 20.11 12.27
N GLU A 247 33.64 20.97 12.64
CA GLU A 247 35.05 20.68 12.47
C GLU A 247 35.61 19.68 13.46
N THR A 248 35.18 19.77 14.72
CA THR A 248 35.61 18.82 15.73
C THR A 248 34.42 18.50 16.59
N MET A 249 34.44 17.32 17.19
CA MET A 249 33.34 16.87 18.04
C MET A 249 32.93 17.94 19.03
N GLN A 250 33.85 18.83 19.36
CA GLN A 250 33.57 19.86 20.33
C GLN A 250 32.57 20.93 19.94
N GLU A 251 31.80 20.69 18.88
CA GLU A 251 30.78 21.65 18.48
C GLU A 251 29.41 20.96 18.56
N LEU A 252 29.43 19.66 18.86
CA LEU A 252 28.22 18.84 18.96
C LEU A 252 27.20 19.38 19.97
N GLU A 253 27.62 19.55 21.22
CA GLU A 253 26.74 20.06 22.27
C GLU A 253 26.01 21.29 21.74
N SER A 254 26.78 22.20 21.16
CA SER A 254 26.24 23.42 20.60
C SER A 254 25.13 23.14 19.58
N VAL A 255 25.37 22.21 18.67
CA VAL A 255 24.38 21.88 17.64
C VAL A 255 23.11 21.34 18.26
N MET A 256 23.25 20.49 19.28
CA MET A 256 22.08 19.93 19.95
C MET A 256 21.20 21.09 20.38
N GLU A 257 21.78 21.99 21.17
CA GLU A 257 21.10 23.18 21.67
C GLU A 257 20.29 23.81 20.57
N HIS A 258 20.93 24.06 19.43
CA HIS A 258 20.25 24.66 18.30
C HIS A 258 18.99 23.86 18.00
N ILE A 259 19.14 22.55 17.83
CA ILE A 259 17.99 21.67 17.56
C ILE A 259 16.97 21.90 18.68
N GLU A 260 17.47 21.88 19.92
CA GLU A 260 16.71 22.08 21.15
C GLU A 260 16.32 20.78 21.85
N LYS B 5 5.36 5.63 -3.93
CA LYS B 5 5.62 6.54 -2.79
C LYS B 5 5.19 5.86 -1.47
N ILE B 6 4.40 4.79 -1.58
CA ILE B 6 3.94 3.99 -0.43
C ILE B 6 4.11 2.51 -0.77
N GLU B 7 5.19 1.93 -0.27
CA GLU B 7 5.50 0.55 -0.56
C GLU B 7 4.85 -0.53 0.30
N ALA B 8 4.50 -0.21 1.53
CA ALA B 8 3.92 -1.23 2.39
C ALA B 8 2.79 -0.76 3.29
N VAL B 9 1.89 -1.70 3.59
CA VAL B 9 0.76 -1.48 4.48
C VAL B 9 0.85 -2.60 5.50
N ILE B 10 0.82 -2.26 6.78
CA ILE B 10 0.87 -3.30 7.80
C ILE B 10 -0.41 -3.32 8.63
N PHE B 11 -1.10 -4.47 8.58
CA PHE B 11 -2.38 -4.68 9.24
C PHE B 11 -2.32 -5.27 10.62
N ASP B 12 -3.35 -4.98 11.42
CA ASP B 12 -3.49 -5.55 12.76
C ASP B 12 -4.26 -6.85 12.46
N TRP B 13 -4.50 -7.69 13.48
CA TRP B 13 -5.26 -8.91 13.23
C TRP B 13 -6.72 -8.82 13.70
N ALA B 14 -6.99 -9.36 14.89
CA ALA B 14 -8.36 -9.37 15.41
C ALA B 14 -8.96 -7.97 15.36
N GLY B 15 -10.14 -7.88 14.74
CA GLY B 15 -10.84 -6.61 14.62
C GLY B 15 -10.47 -5.82 13.38
N THR B 16 -9.51 -6.31 12.60
CA THR B 16 -9.07 -5.62 11.39
C THR B 16 -9.13 -6.52 10.15
N THR B 17 -8.69 -7.77 10.29
CA THR B 17 -8.71 -8.72 9.17
C THR B 17 -9.36 -10.03 9.60
N VAL B 18 -9.41 -10.25 10.91
CA VAL B 18 -9.96 -11.48 11.46
C VAL B 18 -10.78 -11.17 12.71
N ASP B 19 -11.72 -12.07 13.02
CA ASP B 19 -12.60 -11.94 14.19
C ASP B 19 -13.34 -10.62 14.26
N TYR B 20 -14.36 -10.47 13.43
CA TYR B 20 -15.19 -9.26 13.41
C TYR B 20 -15.67 -8.93 14.82
N GLY B 21 -15.56 -7.67 15.23
CA GLY B 21 -16.01 -7.29 16.55
C GLY B 21 -15.05 -7.74 17.63
N CYS B 22 -14.18 -8.70 17.31
CA CYS B 22 -13.20 -9.20 18.25
C CYS B 22 -13.88 -9.88 19.45
N PHE B 23 -14.39 -11.09 19.24
CA PHE B 23 -15.10 -11.80 20.30
C PHE B 23 -14.44 -12.98 20.98
N ALA B 24 -13.44 -13.58 20.35
CA ALA B 24 -12.75 -14.72 20.93
C ALA B 24 -12.59 -14.61 22.45
N PRO B 25 -11.97 -13.51 22.92
CA PRO B 25 -11.75 -13.32 24.37
C PRO B 25 -13.02 -13.31 25.21
N LEU B 26 -14.02 -12.55 24.76
CA LEU B 26 -15.29 -12.47 25.48
C LEU B 26 -15.93 -13.85 25.61
N GLU B 27 -15.76 -14.67 24.58
CA GLU B 27 -16.30 -16.02 24.55
C GLU B 27 -15.75 -16.86 25.68
N VAL B 28 -14.44 -16.81 25.91
CA VAL B 28 -13.83 -17.59 26.97
C VAL B 28 -14.37 -17.15 28.35
N PHE B 29 -14.43 -15.85 28.57
CA PHE B 29 -14.93 -15.33 29.83
C PHE B 29 -16.33 -15.82 30.12
N MET B 30 -17.18 -15.79 29.09
CA MET B 30 -18.56 -16.23 29.25
C MET B 30 -18.64 -17.72 29.53
N GLU B 31 -17.77 -18.47 28.87
CA GLU B 31 -17.71 -19.91 28.99
C GLU B 31 -17.39 -20.33 30.42
N ILE B 32 -16.29 -19.78 30.93
CA ILE B 32 -15.77 -20.07 32.26
C ILE B 32 -16.76 -19.86 33.39
N PHE B 33 -17.54 -18.79 33.31
CA PHE B 33 -18.53 -18.55 34.35
C PHE B 33 -19.74 -19.45 34.12
N HIS B 34 -19.95 -19.82 32.87
CA HIS B 34 -21.08 -20.67 32.51
C HIS B 34 -20.96 -22.07 33.12
N LYS B 35 -19.77 -22.65 33.01
CA LYS B 35 -19.48 -23.98 33.52
C LYS B 35 -20.00 -24.11 34.97
N ARG B 36 -20.26 -22.97 35.62
CA ARG B 36 -20.78 -22.93 36.99
C ARG B 36 -22.03 -22.05 36.94
N GLY B 37 -22.20 -21.16 37.90
CA GLY B 37 -23.36 -20.27 37.90
C GLY B 37 -23.10 -18.96 37.16
N VAL B 38 -22.94 -19.07 35.84
CA VAL B 38 -22.64 -17.91 34.97
C VAL B 38 -23.56 -16.71 35.11
N ALA B 39 -24.41 -16.50 34.11
CA ALA B 39 -25.32 -15.37 34.06
C ALA B 39 -24.46 -14.16 33.72
N ILE B 40 -23.75 -14.24 32.60
CA ILE B 40 -22.89 -13.14 32.20
C ILE B 40 -23.09 -12.73 30.75
N THR B 41 -23.25 -11.41 30.56
CA THR B 41 -23.46 -10.83 29.23
C THR B 41 -22.12 -10.39 28.64
N ALA B 42 -22.02 -10.44 27.31
CA ALA B 42 -20.80 -10.06 26.61
C ALA B 42 -20.51 -8.57 26.76
N GLU B 43 -21.47 -7.85 27.32
CA GLU B 43 -21.31 -6.41 27.53
C GLU B 43 -20.47 -6.19 28.78
N GLU B 44 -20.65 -7.08 29.77
CA GLU B 44 -19.91 -7.01 31.03
C GLU B 44 -18.46 -7.45 30.82
N ALA B 45 -18.26 -8.41 29.92
CA ALA B 45 -16.95 -8.94 29.61
C ALA B 45 -15.99 -7.97 28.92
N ARG B 46 -16.54 -6.92 28.30
CA ARG B 46 -15.70 -5.96 27.61
C ARG B 46 -15.18 -4.85 28.52
N LYS B 47 -15.85 -4.63 29.64
CA LYS B 47 -15.44 -3.58 30.56
C LYS B 47 -14.01 -3.74 31.11
N PRO B 48 -13.69 -4.89 31.70
CA PRO B 48 -12.35 -5.12 32.26
C PRO B 48 -11.21 -4.71 31.34
N MET B 49 -10.45 -3.70 31.78
CA MET B 49 -9.29 -3.23 31.03
C MET B 49 -8.08 -3.16 31.96
N GLY B 50 -8.09 -4.02 32.98
CA GLY B 50 -7.00 -4.07 33.93
C GLY B 50 -5.68 -4.47 33.30
N LEU B 51 -4.63 -4.52 34.11
CA LEU B 51 -3.31 -4.87 33.61
C LEU B 51 -3.15 -6.32 33.17
N LEU B 52 -3.35 -7.25 34.09
CA LEU B 52 -3.21 -8.68 33.82
C LEU B 52 -4.54 -9.40 33.63
N ARG B 53 -4.48 -10.58 33.00
CA ARG B 53 -5.68 -11.40 32.76
C ARG B 53 -6.36 -11.79 34.05
N ILE B 54 -5.57 -12.16 35.05
CA ILE B 54 -6.14 -12.54 36.33
C ILE B 54 -6.92 -11.36 36.90
N ASP B 55 -6.41 -10.16 36.64
CA ASP B 55 -7.08 -8.96 37.12
C ASP B 55 -8.46 -8.84 36.47
N HIS B 56 -8.59 -9.34 35.25
CA HIS B 56 -9.85 -9.29 34.52
C HIS B 56 -10.86 -10.21 35.23
N VAL B 57 -10.45 -11.45 35.49
CA VAL B 57 -11.31 -12.41 36.15
C VAL B 57 -11.78 -11.86 37.50
N ARG B 58 -10.85 -11.25 38.23
CA ARG B 58 -11.15 -10.66 39.54
C ARG B 58 -12.21 -9.56 39.42
N ALA B 59 -12.06 -8.73 38.38
CA ALA B 59 -12.98 -7.63 38.12
C ALA B 59 -14.43 -8.08 37.98
N LEU B 60 -14.65 -9.22 37.32
CA LEU B 60 -15.99 -9.74 37.15
C LEU B 60 -16.50 -10.21 38.50
N THR B 61 -15.60 -10.73 39.31
CA THR B 61 -15.91 -11.20 40.65
C THR B 61 -16.48 -10.02 41.43
N GLU B 62 -15.74 -8.92 41.40
CA GLU B 62 -16.08 -7.67 42.09
C GLU B 62 -17.43 -7.08 41.63
N MET B 63 -17.69 -7.13 40.33
CA MET B 63 -18.93 -6.58 39.77
C MET B 63 -20.19 -7.00 40.51
N PRO B 64 -20.90 -6.03 41.13
CA PRO B 64 -22.13 -6.35 41.86
C PRO B 64 -23.06 -7.00 40.83
N ARG B 65 -24.05 -7.76 41.30
CA ARG B 65 -24.97 -8.43 40.38
C ARG B 65 -24.36 -9.78 40.06
N ILE B 66 -23.13 -9.77 39.55
CA ILE B 66 -22.42 -11.01 39.26
C ILE B 66 -22.05 -11.61 40.60
N ALA B 67 -21.57 -10.76 41.51
CA ALA B 67 -21.22 -11.21 42.83
C ALA B 67 -22.43 -11.86 43.47
N SER B 68 -23.54 -11.12 43.49
CA SER B 68 -24.80 -11.56 44.05
C SER B 68 -25.24 -12.91 43.51
N GLU B 69 -25.14 -13.08 42.19
CA GLU B 69 -25.50 -14.33 41.52
C GLU B 69 -24.67 -15.48 42.08
N TRP B 70 -23.36 -15.27 42.15
CA TRP B 70 -22.44 -16.29 42.66
C TRP B 70 -22.86 -16.70 44.07
N ASN B 71 -23.23 -15.71 44.88
CA ASN B 71 -23.65 -15.98 46.25
C ASN B 71 -24.93 -16.80 46.35
N ARG B 72 -25.87 -16.56 45.44
CA ARG B 72 -27.13 -17.29 45.44
C ARG B 72 -26.93 -18.72 44.99
N VAL B 73 -25.83 -18.97 44.29
CA VAL B 73 -25.54 -20.29 43.79
C VAL B 73 -24.63 -21.09 44.71
N PHE B 74 -23.76 -20.39 45.43
CA PHE B 74 -22.82 -21.05 46.32
C PHE B 74 -22.94 -20.61 47.79
N ARG B 75 -23.85 -19.68 48.06
CA ARG B 75 -24.06 -19.18 49.42
C ARG B 75 -22.79 -18.56 50.00
N GLN B 76 -21.85 -18.21 49.12
CA GLN B 76 -20.59 -17.64 49.55
C GLN B 76 -20.05 -16.69 48.48
N LEU B 77 -19.23 -15.72 48.87
CA LEU B 77 -18.65 -14.81 47.89
C LEU B 77 -17.43 -15.46 47.27
N PRO B 78 -17.12 -15.11 46.00
CA PRO B 78 -15.97 -15.67 45.30
C PRO B 78 -14.68 -15.59 46.12
N THR B 79 -13.83 -16.61 45.96
CA THR B 79 -12.57 -16.75 46.69
C THR B 79 -11.31 -16.57 45.85
N GLU B 80 -10.17 -16.33 46.51
CA GLU B 80 -8.89 -16.19 45.79
C GLU B 80 -8.71 -17.53 45.12
N ALA B 81 -9.04 -18.58 45.88
CA ALA B 81 -8.94 -19.93 45.37
C ALA B 81 -9.78 -20.04 44.11
N ASP B 82 -10.99 -19.51 44.17
CA ASP B 82 -11.90 -19.54 43.02
C ASP B 82 -11.38 -18.75 41.83
N ILE B 83 -11.00 -17.49 42.07
CA ILE B 83 -10.47 -16.65 41.01
C ILE B 83 -9.31 -17.38 40.34
N GLN B 84 -8.45 -17.97 41.16
CA GLN B 84 -7.29 -18.71 40.69
C GLN B 84 -7.68 -19.92 39.85
N GLU B 85 -8.71 -20.62 40.28
CA GLU B 85 -9.17 -21.81 39.57
C GLU B 85 -9.73 -21.48 38.19
N MET B 86 -10.44 -20.36 38.09
CA MET B 86 -11.01 -19.96 36.81
C MET B 86 -9.93 -19.46 35.84
N TYR B 87 -9.14 -18.48 36.27
CA TYR B 87 -8.07 -17.94 35.43
C TYR B 87 -7.21 -19.07 34.84
N GLU B 88 -6.84 -20.00 35.71
CA GLU B 88 -6.01 -21.14 35.34
C GLU B 88 -6.59 -21.86 34.13
N GLU B 89 -7.89 -21.72 33.95
CA GLU B 89 -8.63 -22.38 32.88
C GLU B 89 -8.78 -21.53 31.62
N PHE B 90 -8.64 -20.23 31.76
CA PHE B 90 -8.78 -19.30 30.66
C PHE B 90 -7.94 -19.66 29.43
N GLU B 91 -6.65 -19.87 29.63
CA GLU B 91 -5.79 -20.17 28.50
C GLU B 91 -6.08 -21.48 27.80
N GLU B 92 -6.56 -22.45 28.56
CA GLU B 92 -6.88 -23.73 27.96
C GLU B 92 -7.99 -23.57 26.92
N ILE B 93 -9.10 -22.96 27.35
CA ILE B 93 -10.25 -22.73 26.50
C ILE B 93 -9.96 -21.81 25.31
N LEU B 94 -9.14 -20.80 25.55
CA LEU B 94 -8.79 -19.85 24.50
C LEU B 94 -8.22 -20.57 23.29
N PHE B 95 -7.24 -21.45 23.52
CA PHE B 95 -6.63 -22.22 22.43
C PHE B 95 -7.68 -23.05 21.71
N ALA B 96 -8.62 -23.57 22.49
CA ALA B 96 -9.68 -24.44 21.97
C ALA B 96 -10.64 -23.79 21.00
N ILE B 97 -10.97 -22.52 21.21
CA ILE B 97 -11.93 -21.87 20.34
C ILE B 97 -11.40 -20.86 19.34
N LEU B 98 -10.09 -20.58 19.38
CA LEU B 98 -9.51 -19.62 18.45
C LEU B 98 -9.79 -19.96 16.99
N PRO B 99 -9.70 -21.24 16.60
CA PRO B 99 -9.96 -21.56 15.20
C PRO B 99 -11.30 -21.04 14.70
N ARG B 100 -12.26 -20.96 15.60
CA ARG B 100 -13.58 -20.50 15.21
C ARG B 100 -13.70 -19.00 14.95
N TYR B 101 -12.69 -18.24 15.35
CA TYR B 101 -12.70 -16.79 15.13
C TYR B 101 -11.48 -16.39 14.32
N ALA B 102 -11.27 -17.06 13.19
CA ALA B 102 -10.13 -16.78 12.34
C ALA B 102 -10.50 -16.62 10.88
N SER B 103 -11.69 -16.10 10.61
CA SER B 103 -12.11 -15.90 9.23
C SER B 103 -12.04 -14.46 8.80
N PRO B 104 -11.45 -14.22 7.63
CA PRO B 104 -11.31 -12.88 7.06
C PRO B 104 -12.59 -12.08 7.24
N ILE B 105 -12.46 -10.82 7.64
CA ILE B 105 -13.61 -9.95 7.89
C ILE B 105 -14.42 -9.56 6.64
N ASN B 106 -14.08 -10.12 5.49
CA ASN B 106 -14.86 -9.82 4.29
C ASN B 106 -14.65 -8.40 3.76
N GLY B 107 -14.12 -8.36 2.54
CA GLY B 107 -13.76 -7.13 1.82
C GLY B 107 -12.25 -7.15 1.94
N VAL B 108 -11.80 -7.78 3.02
CA VAL B 108 -10.40 -7.90 3.33
C VAL B 108 -9.66 -8.61 2.20
N LYS B 109 -9.77 -9.94 2.15
CA LYS B 109 -9.09 -10.73 1.13
C LYS B 109 -9.17 -10.14 -0.27
N GLU B 110 -10.14 -9.27 -0.48
CA GLU B 110 -10.33 -8.64 -1.79
C GLU B 110 -9.44 -7.41 -2.00
N VAL B 111 -9.18 -6.68 -0.92
CA VAL B 111 -8.33 -5.51 -1.04
C VAL B 111 -6.89 -6.00 -0.96
N ILE B 112 -6.67 -7.07 -0.21
CA ILE B 112 -5.34 -7.65 -0.08
C ILE B 112 -5.02 -8.26 -1.43
N ALA B 113 -6.08 -8.66 -2.14
CA ALA B 113 -5.94 -9.24 -3.47
C ALA B 113 -5.35 -8.12 -4.29
N SER B 114 -6.03 -6.98 -4.29
CA SER B 114 -5.54 -5.81 -4.98
C SER B 114 -4.37 -5.39 -4.11
N LEU B 115 -3.88 -4.16 -4.22
CA LEU B 115 -2.74 -3.73 -3.41
C LEU B 115 -1.55 -4.64 -3.74
N ARG B 116 -1.74 -5.94 -3.55
CA ARG B 116 -0.70 -6.91 -3.85
C ARG B 116 -0.53 -7.02 -5.36
N GLU B 117 -1.58 -6.66 -6.10
CA GLU B 117 -1.55 -6.69 -7.55
C GLU B 117 -0.68 -5.52 -8.03
N ARG B 118 -0.85 -4.37 -7.38
CA ARG B 118 -0.10 -3.17 -7.73
C ARG B 118 1.25 -3.07 -7.02
N GLY B 119 1.75 -4.22 -6.56
CA GLY B 119 3.05 -4.29 -5.89
C GLY B 119 3.28 -3.82 -4.46
N ILE B 120 2.23 -3.78 -3.64
CA ILE B 120 2.37 -3.34 -2.25
C ILE B 120 2.63 -4.53 -1.35
N LYS B 121 3.62 -4.41 -0.46
CA LYS B 121 3.92 -5.49 0.46
C LYS B 121 3.02 -5.38 1.70
N ILE B 122 2.60 -6.53 2.23
CA ILE B 122 1.72 -6.54 3.40
C ILE B 122 2.32 -7.24 4.62
N GLY B 123 2.52 -6.48 5.69
CA GLY B 123 3.07 -7.03 6.92
C GLY B 123 2.01 -6.93 8.00
N SER B 124 2.37 -7.15 9.26
CA SER B 124 1.39 -7.09 10.33
C SER B 124 1.99 -7.23 11.72
N THR B 125 1.21 -6.85 12.74
CA THR B 125 1.64 -6.97 14.13
C THR B 125 0.42 -7.47 14.92
N THR B 126 0.60 -7.77 16.20
CA THR B 126 -0.49 -8.26 17.01
C THR B 126 -0.20 -8.23 18.48
N GLY B 127 -1.24 -8.35 19.29
CA GLY B 127 -1.08 -8.36 20.73
C GLY B 127 -1.01 -9.81 21.17
N TYR B 128 -1.38 -10.70 20.27
CA TYR B 128 -1.37 -12.14 20.53
C TYR B 128 0.05 -12.69 20.70
N THR B 129 0.18 -13.74 21.49
CA THR B 129 1.48 -14.36 21.72
C THR B 129 1.82 -15.24 20.52
N ARG B 130 3.03 -15.78 20.51
CA ARG B 130 3.43 -16.61 19.38
C ARG B 130 2.55 -17.85 19.27
N GLU B 131 2.30 -18.49 20.39
CA GLU B 131 1.48 -19.71 20.42
C GLU B 131 0.15 -19.44 19.74
N MET B 132 -0.65 -18.60 20.37
CA MET B 132 -1.95 -18.25 19.85
C MET B 132 -1.92 -18.04 18.34
N MET B 133 -0.95 -17.27 17.88
CA MET B 133 -0.80 -16.95 16.46
C MET B 133 -0.52 -18.10 15.51
N ASP B 134 0.09 -19.19 16.00
CA ASP B 134 0.34 -20.32 15.12
C ASP B 134 -1.00 -20.88 14.69
N ILE B 135 -1.90 -20.98 15.67
CA ILE B 135 -3.25 -21.48 15.44
C ILE B 135 -4.04 -20.56 14.52
N VAL B 136 -4.12 -19.27 14.89
CA VAL B 136 -4.85 -18.28 14.11
C VAL B 136 -4.37 -18.11 12.67
N ALA B 137 -3.05 -18.03 12.51
CA ALA B 137 -2.45 -17.85 11.19
C ALA B 137 -2.79 -19.01 10.25
N LYS B 138 -2.76 -20.24 10.78
CA LYS B 138 -3.07 -21.42 9.97
C LYS B 138 -4.51 -21.45 9.49
N GLU B 139 -5.46 -21.15 10.37
CA GLU B 139 -6.85 -21.15 10.00
C GLU B 139 -7.12 -20.02 9.02
N ALA B 140 -6.58 -18.84 9.34
CA ALA B 140 -6.78 -17.67 8.49
C ALA B 140 -6.16 -17.91 7.11
N ALA B 141 -4.99 -18.54 7.09
CA ALA B 141 -4.31 -18.81 5.83
C ALA B 141 -5.18 -19.72 4.98
N LEU B 142 -5.51 -20.87 5.56
CA LEU B 142 -6.33 -21.89 4.92
C LEU B 142 -7.76 -21.38 4.67
N GLN B 143 -7.91 -20.08 4.48
CA GLN B 143 -9.23 -19.48 4.24
C GLN B 143 -9.21 -18.20 3.43
N GLY B 144 -8.09 -17.89 2.78
CA GLY B 144 -8.05 -16.69 1.97
C GLY B 144 -7.22 -15.51 2.46
N TYR B 145 -6.57 -15.64 3.61
CA TYR B 145 -5.74 -14.54 4.13
C TYR B 145 -4.39 -15.01 4.64
N LYS B 146 -3.35 -14.35 4.19
CA LYS B 146 -1.99 -14.69 4.59
C LYS B 146 -1.06 -13.52 4.23
N PRO B 147 -0.59 -12.77 5.24
CA PRO B 147 0.31 -11.64 5.00
C PRO B 147 1.73 -12.06 4.58
N ASP B 148 2.47 -11.13 3.98
CA ASP B 148 3.85 -11.40 3.55
C ASP B 148 4.73 -11.63 4.78
N PHE B 149 4.39 -11.01 5.90
CA PHE B 149 5.18 -11.17 7.11
C PHE B 149 4.33 -11.09 8.38
N LEU B 150 4.91 -11.52 9.51
CA LEU B 150 4.19 -11.54 10.78
C LEU B 150 5.14 -11.33 11.96
N VAL B 151 4.75 -10.50 12.93
CA VAL B 151 5.59 -10.24 14.10
C VAL B 151 4.74 -10.23 15.37
N THR B 152 5.29 -10.72 16.49
CA THR B 152 4.55 -10.75 17.76
C THR B 152 5.32 -10.10 18.93
N PRO B 153 4.65 -9.81 20.05
CA PRO B 153 5.34 -9.19 21.17
C PRO B 153 6.48 -10.04 21.72
N ASP B 154 6.57 -11.27 21.24
CA ASP B 154 7.63 -12.16 21.71
C ASP B 154 8.93 -11.93 20.94
N ASP B 155 8.80 -11.54 19.68
CA ASP B 155 9.95 -11.30 18.82
C ASP B 155 10.67 -10.00 19.08
N VAL B 156 10.29 -9.28 20.12
CA VAL B 156 10.94 -8.00 20.40
C VAL B 156 10.98 -7.71 21.89
N PRO B 157 11.73 -6.68 22.30
CA PRO B 157 11.83 -6.34 23.72
C PRO B 157 10.57 -5.85 24.42
N ALA B 158 9.59 -5.34 23.67
CA ALA B 158 8.37 -4.83 24.29
C ALA B 158 7.07 -5.09 23.56
N GLY B 159 5.98 -4.74 24.26
CA GLY B 159 4.64 -4.92 23.76
C GLY B 159 4.24 -4.02 22.61
N ARG B 160 2.98 -3.57 22.61
CA ARG B 160 2.49 -2.77 21.51
C ARG B 160 2.55 -1.27 21.62
N PRO B 161 2.36 -0.71 22.82
CA PRO B 161 2.47 0.75 22.68
C PRO B 161 3.76 1.17 21.92
N TYR B 162 4.85 0.40 22.06
CA TYR B 162 6.14 0.68 21.41
C TYR B 162 6.18 0.31 19.92
N PRO B 163 7.10 0.93 19.13
CA PRO B 163 7.27 0.69 17.69
C PRO B 163 8.17 -0.47 17.22
N TRP B 164 8.73 -1.24 18.17
CA TRP B 164 9.62 -2.36 17.87
C TRP B 164 9.13 -3.38 16.84
N MET B 165 7.86 -3.76 16.91
CA MET B 165 7.32 -4.72 15.94
C MET B 165 7.20 -4.11 14.56
N CYS B 166 6.98 -2.80 14.49
CA CYS B 166 6.88 -2.12 13.20
C CYS B 166 8.25 -2.07 12.52
N TYR B 167 9.29 -1.71 13.26
CA TYR B 167 10.64 -1.67 12.69
C TYR B 167 11.00 -3.06 12.14
N LYS B 168 10.56 -4.13 12.83
CA LYS B 168 10.86 -5.49 12.36
C LYS B 168 10.24 -5.74 11.00
N ASN B 169 8.97 -5.35 10.84
CA ASN B 169 8.30 -5.52 9.56
C ASN B 169 9.07 -4.81 8.45
N ALA B 170 9.61 -3.63 8.79
CA ALA B 170 10.39 -2.81 7.88
C ALA B 170 11.64 -3.51 7.33
N MET B 171 12.48 -4.01 8.25
CA MET B 171 13.71 -4.71 7.87
C MET B 171 13.41 -5.91 6.99
N GLU B 172 12.55 -6.80 7.48
CA GLU B 172 12.20 -8.01 6.76
C GLU B 172 11.53 -7.75 5.41
N LEU B 173 10.77 -6.66 5.28
CA LEU B 173 10.11 -6.36 4.02
C LEU B 173 10.97 -5.52 3.09
N GLY B 174 12.01 -4.90 3.63
CA GLY B 174 12.89 -4.09 2.82
C GLY B 174 12.32 -2.75 2.36
N VAL B 175 11.57 -2.08 3.22
CA VAL B 175 10.97 -0.78 2.90
C VAL B 175 11.52 0.15 3.98
N TYR B 176 12.08 1.31 3.64
CA TYR B 176 12.61 2.07 4.77
C TYR B 176 12.12 3.44 5.19
N PRO B 177 12.03 4.42 4.28
CA PRO B 177 11.53 5.68 4.88
C PRO B 177 10.23 5.26 5.56
N MET B 178 10.16 5.34 6.89
CA MET B 178 8.95 4.90 7.60
C MET B 178 7.65 5.51 7.09
N ASN B 179 7.71 6.76 6.65
CA ASN B 179 6.52 7.44 6.12
C ASN B 179 6.15 6.95 4.73
N HIS B 180 6.63 5.76 4.38
CA HIS B 180 6.29 5.17 3.10
C HIS B 180 5.42 3.97 3.43
N MET B 181 5.04 3.86 4.71
CA MET B 181 4.21 2.77 5.16
C MET B 181 2.94 3.28 5.87
N ILE B 182 1.89 2.47 5.83
CA ILE B 182 0.64 2.82 6.48
C ILE B 182 0.32 1.79 7.56
N LYS B 183 -0.21 2.24 8.69
CA LYS B 183 -0.59 1.34 9.78
C LYS B 183 -2.11 1.32 9.89
N VAL B 184 -2.72 0.14 9.82
CA VAL B 184 -4.17 0.04 9.94
C VAL B 184 -4.53 -0.81 11.15
N GLY B 185 -5.42 -0.28 11.99
CA GLY B 185 -5.84 -0.99 13.19
C GLY B 185 -7.25 -0.66 13.65
N ASP B 186 -7.71 -1.40 14.66
CA ASP B 186 -9.07 -1.23 15.17
C ASP B 186 -9.20 -0.65 16.59
N THR B 187 -8.09 -0.27 17.22
CA THR B 187 -8.18 0.28 18.57
C THR B 187 -7.33 1.52 18.80
N VAL B 188 -7.45 2.11 19.98
CA VAL B 188 -6.68 3.29 20.30
C VAL B 188 -5.19 2.98 20.34
N SER B 189 -4.83 1.83 20.91
CA SER B 189 -3.42 1.47 20.97
C SER B 189 -2.84 1.29 19.57
N ASP B 190 -3.66 0.87 18.61
CA ASP B 190 -3.18 0.71 17.24
C ASP B 190 -2.75 2.08 16.71
N MET B 191 -3.45 3.13 17.12
CA MET B 191 -3.12 4.46 16.66
C MET B 191 -1.77 4.87 17.23
N LYS B 192 -1.60 4.67 18.53
CA LYS B 192 -0.33 5.02 19.18
C LYS B 192 0.88 4.33 18.57
N GLU B 193 0.81 3.00 18.44
CA GLU B 193 1.91 2.24 17.85
C GLU B 193 2.30 2.88 16.53
N GLY B 194 1.33 3.16 15.68
CA GLY B 194 1.61 3.79 14.41
C GLY B 194 2.29 5.14 14.49
N ARG B 195 1.75 6.04 15.32
CA ARG B 195 2.35 7.36 15.44
C ARG B 195 3.76 7.25 16.00
N ASN B 196 4.00 6.25 16.86
CA ASN B 196 5.31 6.06 17.45
C ASN B 196 6.38 5.53 16.50
N ALA B 197 5.96 4.98 15.37
CA ALA B 197 6.90 4.45 14.40
C ALA B 197 7.07 5.41 13.21
N GLY B 198 6.44 6.57 13.30
CA GLY B 198 6.53 7.55 12.23
C GLY B 198 5.83 7.14 10.95
N MET B 199 4.72 6.41 11.09
CA MET B 199 3.94 5.93 9.95
C MET B 199 2.61 6.70 9.78
N TRP B 200 1.98 6.52 8.62
CA TRP B 200 0.68 7.12 8.36
C TRP B 200 -0.23 6.14 9.06
N THR B 201 -1.03 6.60 10.01
CA THR B 201 -1.91 5.66 10.72
C THR B 201 -3.41 5.89 10.44
N VAL B 202 -4.08 4.81 10.03
CA VAL B 202 -5.51 4.81 9.70
C VAL B 202 -6.32 3.85 10.57
N GLY B 203 -7.46 4.31 11.08
CA GLY B 203 -8.30 3.46 11.91
C GLY B 203 -9.60 3.02 11.25
N VAL B 204 -9.94 1.73 11.34
CA VAL B 204 -11.18 1.19 10.77
C VAL B 204 -12.26 1.14 11.86
N ILE B 205 -13.48 1.52 11.51
CA ILE B 205 -14.58 1.54 12.49
C ILE B 205 -15.56 0.35 12.52
N LEU B 206 -16.21 0.05 11.40
CA LEU B 206 -17.16 -1.05 11.38
C LEU B 206 -16.48 -2.40 11.53
N GLY B 207 -16.60 -2.99 12.72
CA GLY B 207 -15.99 -4.28 12.98
C GLY B 207 -14.91 -4.20 14.05
N SER B 208 -14.65 -2.98 14.52
CA SER B 208 -13.61 -2.76 15.52
C SER B 208 -14.11 -3.17 16.89
N SER B 209 -13.19 -3.13 17.86
CA SER B 209 -13.52 -3.45 19.24
C SER B 209 -14.06 -2.17 19.83
N GLU B 210 -13.48 -1.06 19.40
CA GLU B 210 -13.89 0.25 19.87
C GLU B 210 -15.41 0.39 19.66
N LEU B 211 -15.92 -0.15 18.54
CA LEU B 211 -17.36 -0.10 18.28
C LEU B 211 -18.09 -1.10 19.18
N GLY B 212 -17.66 -2.35 19.18
CA GLY B 212 -18.27 -3.35 20.04
C GLY B 212 -19.48 -4.10 19.51
N LEU B 213 -19.90 -3.80 18.29
CA LEU B 213 -21.06 -4.46 17.72
C LEU B 213 -20.69 -5.71 16.93
N THR B 214 -21.68 -6.58 16.79
CA THR B 214 -21.54 -7.84 16.07
C THR B 214 -21.96 -7.64 14.62
N GLU B 215 -21.35 -8.43 13.73
CA GLU B 215 -21.67 -8.39 12.31
C GLU B 215 -23.20 -8.38 12.17
N GLU B 216 -23.85 -9.22 12.97
CA GLU B 216 -25.30 -9.35 12.96
C GLU B 216 -26.01 -8.14 13.58
N GLU B 217 -25.53 -7.68 14.74
CA GLU B 217 -26.14 -6.52 15.39
C GLU B 217 -26.14 -5.30 14.47
N VAL B 218 -25.02 -5.04 13.80
CA VAL B 218 -24.90 -3.90 12.90
C VAL B 218 -25.94 -4.02 11.79
N GLU B 219 -26.09 -5.24 11.27
CA GLU B 219 -27.04 -5.56 10.19
C GLU B 219 -28.41 -4.94 10.49
N ASN B 220 -28.84 -5.13 11.73
CA ASN B 220 -30.11 -4.59 12.20
C ASN B 220 -29.90 -3.15 12.63
N MET B 221 -30.06 -2.88 13.93
CA MET B 221 -29.92 -1.56 14.54
C MET B 221 -30.47 -0.36 13.76
N ASP B 222 -30.99 0.61 14.50
CA ASP B 222 -31.54 1.82 13.90
C ASP B 222 -30.47 2.59 13.13
N SER B 223 -30.64 2.66 11.81
CA SER B 223 -29.68 3.34 10.94
C SER B 223 -29.20 4.71 11.40
N VAL B 224 -30.02 5.40 12.18
CA VAL B 224 -29.63 6.71 12.69
C VAL B 224 -28.85 6.60 14.00
N GLU B 225 -28.96 5.44 14.65
CA GLU B 225 -28.24 5.21 15.90
C GLU B 225 -26.81 4.75 15.57
N LEU B 226 -26.68 4.03 14.46
CA LEU B 226 -25.39 3.54 14.01
C LEU B 226 -24.51 4.74 13.67
N ARG B 227 -24.98 5.56 12.73
CA ARG B 227 -24.24 6.74 12.30
C ARG B 227 -23.87 7.64 13.46
N GLU B 228 -24.53 7.45 14.60
CA GLU B 228 -24.20 8.25 15.77
C GLU B 228 -23.05 7.55 16.49
N LYS B 229 -23.16 6.24 16.65
CA LYS B 229 -22.13 5.45 17.32
C LYS B 229 -20.83 5.39 16.53
N ILE B 230 -20.92 5.44 15.21
CA ILE B 230 -19.72 5.44 14.37
C ILE B 230 -18.98 6.74 14.62
N GLU B 231 -19.73 7.84 14.62
CA GLU B 231 -19.17 9.16 14.83
C GLU B 231 -18.44 9.29 16.15
N VAL B 232 -18.77 8.44 17.11
CA VAL B 232 -18.12 8.51 18.41
C VAL B 232 -16.75 7.84 18.37
N VAL B 233 -16.70 6.68 17.74
CA VAL B 233 -15.45 5.93 17.61
C VAL B 233 -14.47 6.71 16.75
N ARG B 234 -14.97 7.32 15.68
CA ARG B 234 -14.12 8.09 14.78
C ARG B 234 -13.45 9.23 15.52
N ASN B 235 -14.18 9.86 16.43
CA ASN B 235 -13.66 10.95 17.22
C ASN B 235 -12.60 10.52 18.20
N ARG B 236 -12.72 9.30 18.70
CA ARG B 236 -11.76 8.76 19.65
C ARG B 236 -10.44 8.46 18.93
N PHE B 237 -10.54 7.84 17.75
CA PHE B 237 -9.35 7.52 16.97
C PHE B 237 -8.52 8.77 16.70
N VAL B 238 -9.17 9.76 16.10
CA VAL B 238 -8.52 11.02 15.80
C VAL B 238 -7.86 11.63 17.02
N GLU B 239 -8.63 11.78 18.09
CA GLU B 239 -8.09 12.36 19.29
C GLU B 239 -6.92 11.55 19.85
N ASN B 240 -6.60 10.44 19.21
CA ASN B 240 -5.51 9.59 19.69
C ASN B 240 -4.40 9.32 18.69
N GLY B 241 -4.45 9.98 17.53
CA GLY B 241 -3.40 9.78 16.56
C GLY B 241 -3.75 9.48 15.12
N ALA B 242 -4.92 8.90 14.86
CA ALA B 242 -5.32 8.57 13.51
C ALA B 242 -5.14 9.73 12.54
N HIS B 243 -4.60 9.46 11.36
CA HIS B 243 -4.42 10.49 10.33
C HIS B 243 -5.69 10.50 9.49
N PHE B 244 -6.28 9.32 9.36
CA PHE B 244 -7.50 9.13 8.60
C PHE B 244 -8.27 7.97 9.20
N THR B 245 -9.59 8.00 9.05
CA THR B 245 -10.48 6.94 9.54
C THR B 245 -11.28 6.43 8.36
N ILE B 246 -11.76 5.19 8.45
CA ILE B 246 -12.56 4.60 7.37
C ILE B 246 -13.55 3.60 7.96
N GLU B 247 -14.73 3.50 7.37
CA GLU B 247 -15.76 2.60 7.85
C GLU B 247 -15.51 1.14 7.50
N THR B 248 -15.02 0.88 6.30
CA THR B 248 -14.70 -0.48 5.89
C THR B 248 -13.42 -0.43 5.12
N MET B 249 -12.69 -1.54 5.11
CA MET B 249 -11.41 -1.62 4.43
C MET B 249 -11.51 -1.08 3.02
N GLN B 250 -12.70 -1.12 2.46
CA GLN B 250 -12.89 -0.67 1.09
C GLN B 250 -12.71 0.82 0.82
N GLU B 251 -12.10 1.55 1.76
CA GLU B 251 -11.87 2.96 1.53
C GLU B 251 -10.35 3.19 1.59
N LEU B 252 -9.60 2.13 1.91
CA LEU B 252 -8.15 2.19 2.04
C LEU B 252 -7.46 2.69 0.76
N GLU B 253 -7.69 2.01 -0.36
CA GLU B 253 -7.09 2.39 -1.64
C GLU B 253 -7.24 3.90 -1.82
N SER B 254 -8.46 4.36 -1.62
CA SER B 254 -8.77 5.77 -1.76
C SER B 254 -7.86 6.64 -0.89
N VAL B 255 -7.70 6.27 0.38
CA VAL B 255 -6.86 7.04 1.29
C VAL B 255 -5.42 7.09 0.82
N MET B 256 -4.92 5.96 0.33
CA MET B 256 -3.55 5.92 -0.17
C MET B 256 -3.39 7.02 -1.20
N GLU B 257 -4.25 6.98 -2.23
CA GLU B 257 -4.25 7.97 -3.30
C GLU B 257 -4.11 9.35 -2.72
N HIS B 258 -4.95 9.68 -1.75
CA HIS B 258 -4.89 10.99 -1.11
C HIS B 258 -3.46 11.26 -0.66
N ILE B 259 -2.89 10.33 0.11
CA ILE B 259 -1.52 10.47 0.59
C ILE B 259 -0.63 10.70 -0.65
N GLU B 260 -0.83 9.85 -1.66
CA GLU B 260 -0.13 9.86 -2.94
C GLU B 260 1.02 8.85 -3.02
N LYS C 5 -13.68 -38.78 -25.31
CA LYS C 5 -12.67 -38.87 -26.40
C LYS C 5 -11.40 -38.09 -25.99
N ILE C 6 -11.51 -37.27 -24.94
CA ILE C 6 -10.38 -36.50 -24.39
C ILE C 6 -10.42 -36.62 -22.86
N GLU C 7 -9.60 -37.51 -22.33
CA GLU C 7 -9.58 -37.76 -20.91
C GLU C 7 -8.73 -36.84 -20.02
N ALA C 8 -7.69 -36.25 -20.58
CA ALA C 8 -6.83 -35.42 -19.76
C ALA C 8 -6.30 -34.16 -20.43
N VAL C 9 -6.07 -33.14 -19.60
CA VAL C 9 -5.51 -31.87 -20.03
C VAL C 9 -4.32 -31.63 -19.10
N ILE C 10 -3.16 -31.37 -19.65
CA ILE C 10 -1.99 -31.10 -18.82
C ILE C 10 -1.50 -29.66 -19.00
N PHE C 11 -1.52 -28.92 -17.89
CA PHE C 11 -1.15 -27.51 -17.87
C PHE C 11 0.30 -27.22 -17.52
N ASP C 12 0.77 -26.06 -17.99
CA ASP C 12 2.11 -25.59 -17.67
C ASP C 12 1.87 -24.79 -16.38
N TRP C 13 2.91 -24.26 -15.76
CA TRP C 13 2.70 -23.49 -14.54
C TRP C 13 2.81 -21.97 -14.77
N ALA C 14 3.96 -21.38 -14.46
CA ALA C 14 4.16 -19.95 -14.62
C ALA C 14 3.75 -19.49 -16.00
N GLY C 15 2.87 -18.49 -16.04
CA GLY C 15 2.38 -17.94 -17.30
C GLY C 15 1.16 -18.63 -17.84
N THR C 16 0.70 -19.70 -17.17
CA THR C 16 -0.47 -20.46 -17.62
C THR C 16 -1.53 -20.59 -16.51
N THR C 17 -1.09 -20.89 -15.29
CA THR C 17 -2.02 -21.03 -14.16
C THR C 17 -1.54 -20.19 -12.98
N VAL C 18 -0.26 -19.84 -12.99
CA VAL C 18 0.35 -19.09 -11.91
C VAL C 18 1.30 -18.03 -12.47
N ASP C 19 1.54 -16.98 -11.69
CA ASP C 19 2.43 -15.89 -12.06
C ASP C 19 2.12 -15.25 -13.41
N TYR C 20 1.06 -14.45 -13.45
CA TYR C 20 0.65 -13.76 -14.67
C TYR C 20 1.84 -13.00 -15.27
N GLY C 21 2.05 -13.13 -16.57
CA GLY C 21 3.15 -12.44 -17.21
C GLY C 21 4.49 -13.09 -16.92
N CYS C 22 4.53 -13.93 -15.87
CA CYS C 22 5.75 -14.63 -15.51
C CYS C 22 6.85 -13.65 -15.08
N PHE C 23 6.72 -13.10 -13.87
CA PHE C 23 7.69 -12.12 -13.39
C PHE C 23 8.70 -12.51 -12.33
N ALA C 24 8.41 -13.58 -11.58
CA ALA C 24 9.30 -14.01 -10.53
C ALA C 24 10.79 -13.86 -10.90
N PRO C 25 11.21 -14.44 -12.04
CA PRO C 25 12.62 -14.36 -12.47
C PRO C 25 13.12 -12.93 -12.69
N LEU C 26 12.35 -12.12 -13.40
CA LEU C 26 12.73 -10.74 -13.67
C LEU C 26 12.93 -9.97 -12.36
N GLU C 27 12.11 -10.30 -11.36
CA GLU C 27 12.18 -9.66 -10.06
C GLU C 27 13.53 -9.88 -9.40
N VAL C 28 14.03 -11.11 -9.43
CA VAL C 28 15.33 -11.40 -8.83
C VAL C 28 16.45 -10.62 -9.53
N PHE C 29 16.45 -10.62 -10.86
CA PHE C 29 17.46 -9.91 -11.62
C PHE C 29 17.48 -8.43 -11.24
N MET C 30 16.30 -7.84 -11.13
CA MET C 30 16.20 -6.42 -10.78
C MET C 30 16.69 -6.16 -9.38
N GLU C 31 16.38 -7.09 -8.48
CA GLU C 31 16.75 -6.99 -7.08
C GLU C 31 18.27 -6.96 -6.91
N ILE C 32 18.92 -7.96 -7.49
CA ILE C 32 20.36 -8.15 -7.43
C ILE C 32 21.17 -6.96 -7.87
N PHE C 33 20.75 -6.31 -8.94
CA PHE C 33 21.48 -5.13 -9.41
C PHE C 33 21.13 -3.94 -8.54
N HIS C 34 19.94 -3.97 -7.96
CA HIS C 34 19.48 -2.89 -7.11
C HIS C 34 20.32 -2.75 -5.84
N LYS C 35 20.57 -3.89 -5.20
CA LYS C 35 21.36 -3.94 -3.98
C LYS C 35 22.65 -3.11 -4.12
N ARG C 36 23.02 -2.81 -5.36
CA ARG C 36 24.20 -2.01 -5.67
C ARG C 36 23.72 -0.87 -6.58
N GLY C 37 24.47 -0.58 -7.64
CA GLY C 37 24.06 0.48 -8.56
C GLY C 37 23.19 -0.05 -9.71
N VAL C 38 21.98 -0.48 -9.37
CA VAL C 38 21.03 -1.05 -10.34
C VAL C 38 20.76 -0.23 -11.59
N ALA C 39 19.57 0.36 -11.65
CA ALA C 39 19.12 1.13 -12.79
C ALA C 39 18.79 0.12 -13.88
N ILE C 40 17.90 -0.82 -13.56
CA ILE C 40 17.52 -1.83 -14.54
C ILE C 40 16.03 -1.99 -14.71
N THR C 41 15.59 -1.99 -15.97
CA THR C 41 14.18 -2.12 -16.32
C THR C 41 13.84 -3.59 -16.59
N ALA C 42 12.61 -3.97 -16.29
CA ALA C 42 12.15 -5.34 -16.48
C ALA C 42 12.12 -5.71 -17.95
N GLU C 43 12.32 -4.72 -18.81
CA GLU C 43 12.32 -4.95 -20.25
C GLU C 43 13.68 -5.51 -20.65
N GLU C 44 14.72 -5.05 -19.97
CA GLU C 44 16.11 -5.49 -20.22
C GLU C 44 16.30 -6.91 -19.70
N ALA C 45 15.64 -7.22 -18.58
CA ALA C 45 15.74 -8.52 -17.94
C ALA C 45 15.14 -9.68 -18.74
N ARG C 46 14.24 -9.37 -19.68
CA ARG C 46 13.61 -10.42 -20.47
C ARG C 46 14.43 -10.82 -21.69
N LYS C 47 15.32 -9.94 -22.14
CA LYS C 47 16.13 -10.24 -23.32
C LYS C 47 17.00 -11.49 -23.20
N PRO C 48 17.84 -11.57 -22.15
CA PRO C 48 18.71 -12.73 -21.96
C PRO C 48 18.03 -14.07 -22.16
N MET C 49 18.46 -14.80 -23.19
CA MET C 49 17.93 -16.13 -23.47
C MET C 49 19.08 -17.11 -23.65
N GLY C 50 20.20 -16.81 -22.99
CA GLY C 50 21.38 -17.66 -23.06
C GLY C 50 21.15 -19.04 -22.49
N LEU C 51 22.17 -19.88 -22.54
CA LEU C 51 22.06 -21.24 -22.05
C LEU C 51 21.90 -21.37 -20.54
N LEU C 52 22.90 -20.90 -19.79
CA LEU C 52 22.90 -20.97 -18.33
C LEU C 52 22.52 -19.66 -17.65
N ARG C 53 22.13 -19.75 -16.37
CA ARG C 53 21.75 -18.58 -15.59
C ARG C 53 22.89 -17.60 -15.46
N ILE C 54 24.10 -18.11 -15.24
CA ILE C 54 25.26 -17.26 -15.11
C ILE C 54 25.43 -16.47 -16.40
N ASP C 55 25.11 -17.11 -17.52
CA ASP C 55 25.22 -16.46 -18.83
C ASP C 55 24.26 -15.28 -18.88
N HIS C 56 23.13 -15.39 -18.18
CA HIS C 56 22.14 -14.31 -18.15
C HIS C 56 22.74 -13.11 -17.42
N VAL C 57 23.28 -13.34 -16.24
CA VAL C 57 23.88 -12.27 -15.45
C VAL C 57 24.97 -11.57 -16.24
N ARG C 58 25.78 -12.37 -16.93
CA ARG C 58 26.88 -11.84 -17.76
C ARG C 58 26.33 -10.93 -18.87
N ALA C 59 25.23 -11.36 -19.49
CA ALA C 59 24.60 -10.62 -20.57
C ALA C 59 24.21 -9.21 -20.16
N LEU C 60 23.71 -9.05 -18.95
CA LEU C 60 23.32 -7.74 -18.45
C LEU C 60 24.57 -6.90 -18.25
N THR C 61 25.64 -7.56 -17.85
CA THR C 61 26.93 -6.91 -17.64
C THR C 61 27.36 -6.29 -18.96
N GLU C 62 27.32 -7.12 -20.01
CA GLU C 62 27.70 -6.73 -21.37
C GLU C 62 26.86 -5.58 -21.93
N MET C 63 25.55 -5.60 -21.66
CA MET C 63 24.64 -4.57 -22.16
C MET C 63 25.12 -3.14 -21.93
N PRO C 64 25.40 -2.41 -23.04
CA PRO C 64 25.87 -1.01 -22.90
C PRO C 64 24.78 -0.28 -22.13
N ARG C 65 25.11 0.84 -21.50
CA ARG C 65 24.14 1.60 -20.72
C ARG C 65 24.19 1.05 -19.30
N ILE C 66 23.99 -0.26 -19.18
CA ILE C 66 24.06 -0.91 -17.87
C ILE C 66 25.54 -0.93 -17.50
N ALA C 67 26.37 -1.26 -18.48
CA ALA C 67 27.80 -1.29 -18.25
C ALA C 67 28.24 0.10 -17.78
N SER C 68 27.88 1.11 -18.57
CA SER C 68 28.21 2.50 -18.28
C SER C 68 27.80 2.93 -16.88
N GLU C 69 26.59 2.54 -16.48
CA GLU C 69 26.07 2.85 -15.16
C GLU C 69 26.99 2.27 -14.08
N TRP C 70 27.32 0.99 -14.24
CA TRP C 70 28.18 0.29 -13.28
C TRP C 70 29.50 1.04 -13.15
N ASN C 71 30.04 1.50 -14.28
CA ASN C 71 31.30 2.24 -14.29
C ASN C 71 31.23 3.57 -13.55
N ARG C 72 30.10 4.26 -13.66
CA ARG C 72 29.94 5.56 -13.01
C ARG C 72 29.78 5.38 -11.51
N VAL C 73 29.41 4.18 -11.10
CA VAL C 73 29.21 3.88 -9.69
C VAL C 73 30.43 3.28 -9.04
N PHE C 74 31.20 2.52 -9.81
CA PHE C 74 32.39 1.86 -9.28
C PHE C 74 33.69 2.27 -9.98
N ARG C 75 33.59 3.14 -10.97
CA ARG C 75 34.77 3.60 -11.72
C ARG C 75 35.52 2.44 -12.37
N GLN C 76 34.84 1.31 -12.52
CA GLN C 76 35.44 0.10 -13.11
C GLN C 76 34.38 -0.72 -13.82
N LEU C 77 34.80 -1.52 -14.80
CA LEU C 77 33.84 -2.37 -15.51
C LEU C 77 33.62 -3.64 -14.70
N PRO C 78 32.43 -4.25 -14.80
CA PRO C 78 32.10 -5.47 -14.07
C PRO C 78 33.19 -6.54 -14.24
N THR C 79 33.38 -7.33 -13.17
CA THR C 79 34.40 -8.37 -13.10
C THR C 79 33.86 -9.81 -13.08
N GLU C 80 34.71 -10.79 -13.38
CA GLU C 80 34.30 -12.19 -13.33
C GLU C 80 33.91 -12.40 -11.89
N ALA C 81 34.72 -11.84 -11.00
CA ALA C 81 34.49 -11.93 -9.58
C ALA C 81 33.10 -11.38 -9.29
N ASP C 82 32.79 -10.24 -9.88
CA ASP C 82 31.49 -9.61 -9.68
C ASP C 82 30.33 -10.44 -10.23
N ILE C 83 30.45 -10.85 -11.49
CA ILE C 83 29.41 -11.67 -12.10
C ILE C 83 29.16 -12.89 -11.21
N GLN C 84 30.25 -13.50 -10.74
CA GLN C 84 30.18 -14.66 -9.87
C GLN C 84 29.49 -14.37 -8.55
N GLU C 85 29.77 -13.21 -7.98
CA GLU C 85 29.17 -12.82 -6.71
C GLU C 85 27.67 -12.61 -6.82
N MET C 86 27.23 -12.03 -7.94
CA MET C 86 25.80 -11.80 -8.13
C MET C 86 25.05 -13.09 -8.39
N TYR C 87 25.48 -13.85 -9.40
CA TYR C 87 24.83 -15.12 -9.73
C TYR C 87 24.64 -15.98 -8.49
N GLU C 88 25.71 -16.08 -7.71
CA GLU C 88 25.73 -16.86 -6.48
C GLU C 88 24.56 -16.52 -5.59
N GLU C 89 24.06 -15.30 -5.75
CA GLU C 89 22.98 -14.77 -4.94
C GLU C 89 21.59 -14.97 -5.55
N PHE C 90 21.56 -15.18 -6.86
CA PHE C 90 20.31 -15.37 -7.58
C PHE C 90 19.38 -16.42 -6.98
N GLU C 91 19.90 -17.62 -6.74
CA GLU C 91 19.07 -18.68 -6.21
C GLU C 91 18.55 -18.42 -4.82
N GLU C 92 19.32 -17.71 -4.01
CA GLU C 92 18.87 -17.43 -2.66
C GLU C 92 17.60 -16.59 -2.69
N ILE C 93 17.66 -15.47 -3.41
CA ILE C 93 16.53 -14.55 -3.53
C ILE C 93 15.32 -15.18 -4.22
N LEU C 94 15.56 -16.01 -5.22
CA LEU C 94 14.50 -16.67 -5.95
C LEU C 94 13.57 -17.42 -4.99
N PHE C 95 14.16 -18.25 -4.13
CA PHE C 95 13.38 -19.01 -3.15
C PHE C 95 12.58 -18.07 -2.26
N ALA C 96 13.20 -16.95 -1.92
CA ALA C 96 12.61 -15.96 -1.03
C ALA C 96 11.34 -15.29 -1.53
N ILE C 97 11.27 -15.03 -2.83
CA ILE C 97 10.10 -14.34 -3.36
C ILE C 97 9.10 -15.18 -4.15
N LEU C 98 9.39 -16.45 -4.38
CA LEU C 98 8.49 -17.30 -5.12
C LEU C 98 7.08 -17.32 -4.56
N PRO C 99 6.93 -17.39 -3.22
CA PRO C 99 5.58 -17.41 -2.67
C PRO C 99 4.71 -16.27 -3.15
N ARG C 100 5.33 -15.14 -3.44
CA ARG C 100 4.59 -13.98 -3.88
C ARG C 100 4.06 -14.05 -5.31
N TYR C 101 4.54 -15.01 -6.08
CA TYR C 101 4.11 -15.17 -7.46
C TYR C 101 3.54 -16.56 -7.66
N ALA C 102 2.61 -16.96 -6.80
CA ALA C 102 2.01 -18.28 -6.86
C ALA C 102 0.49 -18.25 -6.78
N SER C 103 -0.11 -17.20 -7.30
CA SER C 103 -1.56 -17.10 -7.26
C SER C 103 -2.21 -17.40 -8.60
N PRO C 104 -3.23 -18.24 -8.60
CA PRO C 104 -3.96 -18.61 -9.81
C PRO C 104 -4.22 -17.40 -10.69
N ILE C 105 -4.00 -17.54 -12.00
CA ILE C 105 -4.17 -16.44 -12.94
C ILE C 105 -5.61 -15.96 -13.14
N ASN C 106 -6.55 -16.49 -12.37
CA ASN C 106 -7.93 -16.03 -12.49
C ASN C 106 -8.63 -16.47 -13.78
N GLY C 107 -9.69 -17.25 -13.58
CA GLY C 107 -10.49 -17.87 -14.65
C GLY C 107 -10.02 -19.31 -14.58
N VAL C 108 -8.77 -19.45 -14.14
CA VAL C 108 -8.15 -20.74 -14.00
C VAL C 108 -8.94 -21.65 -13.06
N LYS C 109 -8.79 -21.43 -11.76
CA LYS C 109 -9.48 -22.26 -10.78
C LYS C 109 -10.94 -22.53 -11.11
N GLU C 110 -11.52 -21.71 -11.98
CA GLU C 110 -12.91 -21.87 -12.36
C GLU C 110 -13.11 -22.87 -13.49
N VAL C 111 -12.13 -22.96 -14.40
CA VAL C 111 -12.24 -23.90 -15.49
C VAL C 111 -11.75 -25.25 -14.96
N ILE C 112 -10.81 -25.21 -14.02
CA ILE C 112 -10.28 -26.43 -13.42
C ILE C 112 -11.41 -26.98 -12.56
N ALA C 113 -12.26 -26.08 -12.09
CA ALA C 113 -13.42 -26.46 -11.27
C ALA C 113 -14.26 -27.30 -12.21
N SER C 114 -14.59 -26.73 -13.36
CA SER C 114 -15.33 -27.45 -14.38
C SER C 114 -14.28 -28.44 -14.88
N LEU C 115 -14.49 -29.04 -16.04
CA LEU C 115 -13.52 -30.01 -16.56
C LEU C 115 -13.42 -31.16 -15.56
N ARG C 116 -13.06 -30.83 -14.33
CA ARG C 116 -12.95 -31.83 -13.27
C ARG C 116 -14.34 -32.32 -12.88
N GLU C 117 -15.35 -31.49 -13.16
CA GLU C 117 -16.74 -31.83 -12.86
C GLU C 117 -17.19 -32.87 -13.89
N ARG C 118 -16.79 -32.66 -15.15
CA ARG C 118 -17.15 -33.57 -16.23
C ARG C 118 -16.17 -34.73 -16.39
N GLY C 119 -15.42 -35.03 -15.32
CA GLY C 119 -14.47 -36.14 -15.31
C GLY C 119 -13.13 -36.09 -16.02
N ILE C 120 -12.59 -34.89 -16.26
CA ILE C 120 -11.30 -34.76 -16.93
C ILE C 120 -10.17 -34.71 -15.90
N LYS C 121 -9.12 -35.48 -16.13
CA LYS C 121 -7.98 -35.49 -15.22
C LYS C 121 -7.02 -34.35 -15.59
N ILE C 122 -6.42 -33.72 -14.58
CA ILE C 122 -5.49 -32.62 -14.81
C ILE C 122 -4.07 -32.88 -14.31
N GLY C 123 -3.12 -32.90 -15.24
CA GLY C 123 -1.74 -33.12 -14.90
C GLY C 123 -0.96 -31.85 -15.23
N SER C 124 0.37 -31.92 -15.22
CA SER C 124 1.16 -30.73 -15.52
C SER C 124 2.65 -30.99 -15.60
N THR C 125 3.39 -30.06 -16.19
CA THR C 125 4.84 -30.15 -16.30
C THR C 125 5.40 -28.75 -16.00
N THR C 126 6.72 -28.62 -15.94
CA THR C 126 7.33 -27.33 -15.63
C THR C 126 8.81 -27.31 -15.92
N GLY C 127 9.35 -26.10 -15.99
CA GLY C 127 10.78 -25.94 -16.23
C GLY C 127 11.45 -25.80 -14.89
N TYR C 128 10.65 -25.55 -13.86
CA TYR C 128 11.12 -25.39 -12.49
C TYR C 128 11.72 -26.68 -11.93
N THR C 129 12.68 -26.55 -11.02
CA THR C 129 13.30 -27.70 -10.38
C THR C 129 12.36 -28.23 -9.30
N ARG C 130 12.71 -29.36 -8.72
CA ARG C 130 11.87 -29.93 -7.68
C ARG C 130 11.75 -28.99 -6.47
N GLU C 131 12.88 -28.45 -6.05
CA GLU C 131 12.92 -27.55 -4.91
C GLU C 131 11.91 -26.43 -5.10
N MET C 132 12.20 -25.58 -6.07
CA MET C 132 11.34 -24.46 -6.39
C MET C 132 9.87 -24.83 -6.32
N MET C 133 9.53 -25.95 -6.96
CA MET C 133 8.16 -26.44 -7.02
C MET C 133 7.49 -26.81 -5.70
N ASP C 134 8.27 -27.22 -4.70
CA ASP C 134 7.67 -27.55 -3.41
C ASP C 134 7.04 -26.30 -2.84
N ILE C 135 7.78 -25.20 -2.96
CA ILE C 135 7.34 -23.89 -2.49
C ILE C 135 6.12 -23.40 -3.26
N VAL C 136 6.25 -23.35 -4.59
CA VAL C 136 5.17 -22.89 -5.47
C VAL C 136 3.87 -23.70 -5.36
N ALA C 137 4.00 -25.02 -5.35
CA ALA C 137 2.85 -25.91 -5.26
C ALA C 137 2.07 -25.68 -3.97
N LYS C 138 2.78 -25.49 -2.87
CA LYS C 138 2.13 -25.27 -1.57
C LYS C 138 1.33 -23.97 -1.52
N GLU C 139 1.92 -22.89 -2.01
CA GLU C 139 1.23 -21.61 -2.00
C GLU C 139 0.05 -21.65 -2.96
N ALA C 140 0.28 -22.21 -4.14
CA ALA C 140 -0.77 -22.31 -5.15
C ALA C 140 -1.90 -23.18 -4.66
N ALA C 141 -1.55 -24.27 -3.97
CA ALA C 141 -2.55 -25.19 -3.45
C ALA C 141 -3.43 -24.45 -2.45
N LEU C 142 -2.77 -23.91 -1.43
CA LEU C 142 -3.40 -23.16 -0.35
C LEU C 142 -4.05 -21.87 -0.87
N GLN C 143 -4.48 -21.88 -2.13
CA GLN C 143 -5.11 -20.71 -2.73
C GLN C 143 -6.10 -21.00 -3.85
N GLY C 144 -6.51 -22.26 -3.98
CA GLY C 144 -7.47 -22.58 -5.01
C GLY C 144 -7.01 -23.37 -6.23
N TYR C 145 -5.73 -23.75 -6.27
CA TYR C 145 -5.22 -24.53 -7.40
C TYR C 145 -4.34 -25.69 -6.97
N LYS C 146 -4.64 -26.87 -7.50
CA LYS C 146 -3.88 -28.06 -7.19
C LYS C 146 -4.21 -29.15 -8.22
N PRO C 147 -3.25 -29.45 -9.11
CA PRO C 147 -3.46 -30.47 -10.14
C PRO C 147 -3.47 -31.91 -9.59
N ASP C 148 -4.02 -32.83 -10.37
CA ASP C 148 -4.07 -34.24 -9.98
C ASP C 148 -2.66 -34.82 -9.91
N PHE C 149 -1.76 -34.30 -10.75
CA PHE C 149 -0.39 -34.78 -10.77
C PHE C 149 0.62 -33.69 -11.12
N LEU C 150 1.91 -33.96 -10.86
CA LEU C 150 2.97 -32.98 -11.10
C LEU C 150 4.28 -33.66 -11.47
N VAL C 151 4.97 -33.15 -12.48
CA VAL C 151 6.26 -33.73 -12.89
C VAL C 151 7.28 -32.61 -13.18
N THR C 152 8.56 -32.86 -12.87
CA THR C 152 9.62 -31.86 -13.09
C THR C 152 10.80 -32.41 -13.90
N PRO C 153 11.68 -31.53 -14.42
CA PRO C 153 12.81 -32.02 -15.21
C PRO C 153 13.73 -32.93 -14.41
N ASP C 154 13.50 -33.03 -13.12
CA ASP C 154 14.34 -33.88 -12.28
C ASP C 154 13.86 -35.33 -12.31
N ASP C 155 12.56 -35.50 -12.47
CA ASP C 155 11.97 -36.84 -12.49
C ASP C 155 12.17 -37.60 -13.80
N VAL C 156 12.96 -37.05 -14.71
CA VAL C 156 13.18 -37.73 -15.98
C VAL C 156 14.56 -37.47 -16.52
N PRO C 157 14.96 -38.19 -17.59
CA PRO C 157 16.30 -38.00 -18.16
C PRO C 157 16.59 -36.66 -18.84
N ALA C 158 15.56 -35.93 -19.25
CA ALA C 158 15.80 -34.64 -19.90
C ALA C 158 14.84 -33.52 -19.59
N GLY C 159 15.20 -32.34 -20.09
CA GLY C 159 14.44 -31.12 -19.90
C GLY C 159 13.10 -31.07 -20.60
N ARG C 160 12.74 -29.88 -21.08
CA ARG C 160 11.43 -29.71 -21.70
C ARG C 160 11.32 -29.86 -23.19
N PRO C 161 12.33 -29.48 -23.97
CA PRO C 161 11.99 -29.74 -25.38
C PRO C 161 11.48 -31.19 -25.59
N TYR C 162 11.99 -32.14 -24.81
CA TYR C 162 11.61 -33.57 -24.91
C TYR C 162 10.26 -33.91 -24.29
N PRO C 163 9.62 -35.03 -24.72
CA PRO C 163 8.31 -35.48 -24.21
C PRO C 163 8.26 -36.37 -22.94
N TRP C 164 9.43 -36.63 -22.33
CA TRP C 164 9.53 -37.47 -21.14
C TRP C 164 8.59 -37.14 -19.97
N MET C 165 8.42 -35.86 -19.67
CA MET C 165 7.53 -35.46 -18.57
C MET C 165 6.07 -35.70 -18.94
N CYS C 166 5.75 -35.60 -20.22
CA CYS C 166 4.37 -35.85 -20.66
C CYS C 166 4.02 -37.34 -20.53
N TYR C 167 4.92 -38.23 -20.98
CA TYR C 167 4.67 -39.65 -20.85
C TYR C 167 4.46 -40.01 -19.37
N LYS C 168 5.18 -39.34 -18.46
CA LYS C 168 5.02 -39.62 -17.03
C LYS C 168 3.62 -39.29 -16.57
N ASN C 169 3.11 -38.14 -16.97
CA ASN C 169 1.75 -37.75 -16.61
C ASN C 169 0.76 -38.81 -17.08
N ALA C 170 1.01 -39.34 -18.28
CA ALA C 170 0.18 -40.37 -18.89
C ALA C 170 0.07 -41.65 -18.03
N MET C 171 1.21 -42.22 -17.68
CA MET C 171 1.26 -43.44 -16.87
C MET C 171 0.53 -43.26 -15.54
N GLU C 172 0.96 -42.23 -14.80
CA GLU C 172 0.37 -41.94 -13.49
C GLU C 172 -1.12 -41.62 -13.54
N LEU C 173 -1.59 -40.98 -14.62
CA LEU C 173 -3.00 -40.64 -14.72
C LEU C 173 -3.84 -41.76 -15.35
N GLY C 174 -3.18 -42.70 -16.00
CA GLY C 174 -3.88 -43.81 -16.62
C GLY C 174 -4.67 -43.47 -17.87
N VAL C 175 -4.13 -42.60 -18.73
CA VAL C 175 -4.79 -42.21 -19.97
C VAL C 175 -3.78 -42.58 -21.05
N TYR C 176 -4.17 -43.30 -22.10
CA TYR C 176 -3.09 -43.63 -23.03
C TYR C 176 -3.01 -43.17 -24.47
N PRO C 177 -4.07 -43.37 -25.28
CA PRO C 177 -3.82 -42.86 -26.64
C PRO C 177 -3.38 -41.40 -26.41
N MET C 178 -2.14 -41.05 -26.74
CA MET C 178 -1.66 -39.68 -26.49
C MET C 178 -2.56 -38.58 -27.03
N ASN C 179 -3.17 -38.84 -28.20
CA ASN C 179 -4.05 -37.87 -28.82
C ASN C 179 -5.40 -37.77 -28.12
N HIS C 180 -5.43 -38.20 -26.87
CA HIS C 180 -6.64 -38.12 -26.06
C HIS C 180 -6.33 -37.09 -24.98
N MET C 181 -5.17 -36.44 -25.12
CA MET C 181 -4.75 -35.43 -24.17
C MET C 181 -4.45 -34.09 -24.85
N ILE C 182 -4.60 -33.00 -24.10
CA ILE C 182 -4.32 -31.68 -24.62
C ILE C 182 -3.19 -31.04 -23.80
N LYS C 183 -2.30 -30.32 -24.47
CA LYS C 183 -1.19 -29.64 -23.80
C LYS C 183 -1.44 -28.13 -23.87
N VAL C 184 -1.45 -27.46 -22.72
CA VAL C 184 -1.65 -26.01 -22.71
C VAL C 184 -0.43 -25.33 -22.10
N GLY C 185 0.07 -24.32 -22.81
CA GLY C 185 1.25 -23.60 -22.34
C GLY C 185 1.31 -22.15 -22.81
N ASP C 186 2.28 -21.41 -22.28
CA ASP C 186 2.43 -20.00 -22.61
C ASP C 186 3.67 -19.60 -23.43
N THR C 187 4.47 -20.57 -23.87
CA THR C 187 5.66 -20.23 -24.66
C THR C 187 5.87 -21.12 -25.88
N VAL C 188 6.89 -20.79 -26.67
CA VAL C 188 7.18 -21.57 -27.86
C VAL C 188 7.61 -22.98 -27.49
N SER C 189 8.43 -23.11 -26.44
CA SER C 189 8.87 -24.44 -26.03
C SER C 189 7.68 -25.30 -25.59
N ASP C 190 6.65 -24.67 -25.04
CA ASP C 190 5.48 -25.43 -24.63
C ASP C 190 4.83 -26.08 -25.86
N MET C 191 4.89 -25.39 -26.99
CA MET C 191 4.31 -25.93 -28.20
C MET C 191 5.10 -27.15 -28.64
N LYS C 192 6.42 -27.02 -28.67
CA LYS C 192 7.29 -28.13 -29.08
C LYS C 192 7.10 -29.38 -28.22
N GLU C 193 7.16 -29.24 -26.90
CA GLU C 193 6.98 -30.37 -26.01
C GLU C 193 5.69 -31.10 -26.39
N GLY C 194 4.62 -30.36 -26.55
CA GLY C 194 3.36 -30.97 -26.92
C GLY C 194 3.38 -31.72 -28.25
N ARG C 195 3.89 -31.10 -29.30
CA ARG C 195 3.93 -31.76 -30.59
C ARG C 195 4.82 -32.99 -30.51
N ASN C 196 5.86 -32.95 -29.68
CA ASN C 196 6.75 -34.09 -29.53
C ASN C 196 6.17 -35.29 -28.80
N ALA C 197 5.08 -35.08 -28.07
CA ALA C 197 4.45 -36.17 -27.34
C ALA C 197 3.20 -36.67 -28.07
N GLY C 198 2.95 -36.13 -29.26
CA GLY C 198 1.78 -36.54 -30.02
C GLY C 198 0.45 -36.10 -29.42
N MET C 199 0.46 -34.93 -28.77
CA MET C 199 -0.74 -34.38 -28.14
C MET C 199 -1.33 -33.20 -28.92
N TRP C 200 -2.56 -32.83 -28.58
CA TRP C 200 -3.20 -31.67 -29.18
C TRP C 200 -2.59 -30.54 -28.37
N THR C 201 -1.92 -29.60 -29.02
CA THR C 201 -1.30 -28.51 -28.27
C THR C 201 -1.96 -27.14 -28.50
N VAL C 202 -2.32 -26.48 -27.40
CA VAL C 202 -2.97 -25.17 -27.41
C VAL C 202 -2.17 -24.10 -26.66
N GLY C 203 -2.01 -22.93 -27.26
CA GLY C 203 -1.28 -21.86 -26.59
C GLY C 203 -2.15 -20.69 -26.11
N VAL C 204 -1.92 -20.24 -24.88
CA VAL C 204 -2.66 -19.11 -24.31
C VAL C 204 -1.86 -17.82 -24.48
N ILE C 205 -2.54 -16.73 -24.85
CA ILE C 205 -1.85 -15.46 -25.10
C ILE C 205 -1.86 -14.40 -23.98
N LEU C 206 -3.03 -13.99 -23.52
CA LEU C 206 -3.09 -12.97 -22.47
C LEU C 206 -2.56 -13.49 -21.14
N GLY C 207 -1.36 -13.06 -20.78
CA GLY C 207 -0.75 -13.48 -19.53
C GLY C 207 0.50 -14.32 -19.75
N SER C 208 0.82 -14.56 -21.02
CA SER C 208 1.99 -15.37 -21.36
C SER C 208 3.25 -14.56 -21.23
N SER C 209 4.38 -15.24 -21.40
CA SER C 209 5.69 -14.59 -21.35
C SER C 209 5.92 -14.04 -22.74
N GLU C 210 5.46 -14.79 -23.72
CA GLU C 210 5.61 -14.40 -25.11
C GLU C 210 5.03 -12.98 -25.27
N LEU C 211 3.92 -12.69 -24.58
CA LEU C 211 3.32 -11.35 -24.64
C LEU C 211 4.19 -10.35 -23.86
N GLY C 212 4.49 -10.67 -22.60
CA GLY C 212 5.34 -9.80 -21.80
C GLY C 212 4.67 -8.68 -21.02
N LEU C 213 3.36 -8.57 -21.13
CA LEU C 213 2.65 -7.51 -20.41
C LEU C 213 2.19 -7.94 -19.04
N THR C 214 1.96 -6.93 -18.20
CA THR C 214 1.50 -7.12 -16.83
C THR C 214 -0.02 -7.05 -16.78
N GLU C 215 -0.59 -7.77 -15.83
CA GLU C 215 -2.04 -7.78 -15.63
C GLU C 215 -2.52 -6.32 -15.68
N GLU C 216 -1.77 -5.43 -15.02
CA GLU C 216 -2.11 -4.02 -14.96
C GLU C 216 -1.86 -3.30 -16.30
N GLU C 217 -0.72 -3.54 -16.93
CA GLU C 217 -0.43 -2.91 -18.20
C GLU C 217 -1.50 -3.22 -19.25
N VAL C 218 -1.93 -4.47 -19.33
CA VAL C 218 -2.95 -4.88 -20.29
C VAL C 218 -4.23 -4.10 -20.01
N GLU C 219 -4.57 -3.98 -18.73
CA GLU C 219 -5.76 -3.25 -18.27
C GLU C 219 -5.89 -1.92 -18.99
N ASN C 220 -4.78 -1.20 -19.06
CA ASN C 220 -4.71 0.09 -19.72
C ASN C 220 -4.48 -0.14 -21.21
N MET C 221 -3.32 0.28 -21.70
CA MET C 221 -2.91 0.16 -23.11
C MET C 221 -3.98 0.42 -24.17
N ASP C 222 -3.55 1.01 -25.29
CA ASP C 222 -4.45 1.32 -26.38
C ASP C 222 -5.07 0.04 -26.96
N SER C 223 -6.39 -0.10 -26.80
CA SER C 223 -7.12 -1.27 -27.27
C SER C 223 -6.78 -1.75 -28.68
N VAL C 224 -6.33 -0.84 -29.53
CA VAL C 224 -5.97 -1.21 -30.89
C VAL C 224 -4.52 -1.68 -30.97
N GLU C 225 -3.72 -1.34 -29.95
CA GLU C 225 -2.33 -1.74 -29.93
C GLU C 225 -2.23 -3.16 -29.35
N LEU C 226 -3.15 -3.47 -28.44
CA LEU C 226 -3.21 -4.78 -27.83
C LEU C 226 -3.53 -5.81 -28.89
N ARG C 227 -4.68 -5.63 -29.56
CA ARG C 227 -5.10 -6.54 -30.61
C ARG C 227 -4.05 -6.72 -31.69
N GLU C 228 -3.09 -5.81 -31.73
CA GLU C 228 -2.02 -5.95 -32.71
C GLU C 228 -0.95 -6.85 -32.10
N LYS C 229 -0.61 -6.60 -30.84
CA LYS C 229 0.41 -7.39 -30.14
C LYS C 229 -0.04 -8.83 -29.89
N ILE C 230 -1.35 -9.03 -29.71
CA ILE C 230 -1.87 -10.37 -29.49
C ILE C 230 -1.68 -11.14 -30.79
N GLU C 231 -2.03 -10.50 -31.91
CA GLU C 231 -1.91 -11.12 -33.21
C GLU C 231 -0.48 -11.56 -33.54
N VAL C 232 0.49 -10.95 -32.89
CA VAL C 232 1.89 -11.30 -33.16
C VAL C 232 2.26 -12.59 -32.45
N VAL C 233 1.85 -12.67 -31.18
CA VAL C 233 2.14 -13.85 -30.36
C VAL C 233 1.42 -15.06 -30.94
N ARG C 234 0.17 -14.86 -31.36
CA ARG C 234 -0.63 -15.96 -31.92
C ARG C 234 0.07 -16.54 -33.15
N ASN C 235 0.67 -15.68 -33.96
CA ASN C 235 1.36 -16.11 -35.16
C ASN C 235 2.62 -16.88 -34.86
N ARG C 236 3.26 -16.56 -33.75
CA ARG C 236 4.49 -17.23 -33.35
C ARG C 236 4.16 -18.64 -32.86
N PHE C 237 3.10 -18.76 -32.05
CA PHE C 237 2.68 -20.06 -31.53
C PHE C 237 2.41 -21.03 -32.68
N VAL C 238 1.53 -20.61 -33.58
CA VAL C 238 1.17 -21.42 -34.73
C VAL C 238 2.40 -21.84 -35.51
N GLU C 239 3.22 -20.88 -35.89
CA GLU C 239 4.41 -21.19 -36.66
C GLU C 239 5.35 -22.13 -35.91
N ASN C 240 4.99 -22.49 -34.68
CA ASN C 240 5.84 -23.37 -33.88
C ASN C 240 5.17 -24.64 -33.39
N GLY C 241 3.95 -24.91 -33.83
CA GLY C 241 3.28 -26.13 -33.41
C GLY C 241 1.87 -26.08 -32.89
N ALA C 242 1.46 -24.95 -32.32
CA ALA C 242 0.11 -24.83 -31.77
C ALA C 242 -0.96 -25.30 -32.74
N HIS C 243 -1.93 -26.07 -32.24
CA HIS C 243 -3.03 -26.55 -33.06
C HIS C 243 -4.14 -25.51 -32.99
N PHE C 244 -4.21 -24.87 -31.82
CA PHE C 244 -5.20 -23.84 -31.55
C PHE C 244 -4.60 -22.85 -30.56
N THR C 245 -5.06 -21.60 -30.62
CA THR C 245 -4.61 -20.54 -29.71
C THR C 245 -5.85 -19.97 -29.03
N ILE C 246 -5.68 -19.39 -27.84
CA ILE C 246 -6.79 -18.79 -27.12
C ILE C 246 -6.30 -17.63 -26.27
N GLU C 247 -7.12 -16.59 -26.13
CA GLU C 247 -6.74 -15.41 -25.36
C GLU C 247 -6.79 -15.60 -23.86
N THR C 248 -7.79 -16.33 -23.37
CA THR C 248 -7.88 -16.61 -21.94
C THR C 248 -8.34 -18.04 -21.80
N MET C 249 -7.98 -18.65 -20.68
CA MET C 249 -8.33 -20.04 -20.42
C MET C 249 -9.80 -20.30 -20.69
N GLN C 250 -10.61 -19.26 -20.62
CA GLN C 250 -12.03 -19.42 -20.82
C GLN C 250 -12.50 -19.77 -22.23
N GLU C 251 -11.58 -20.21 -23.08
CA GLU C 251 -11.97 -20.63 -24.43
C GLU C 251 -11.61 -22.10 -24.60
N LEU C 252 -10.94 -22.66 -23.58
CA LEU C 252 -10.51 -24.06 -23.59
C LEU C 252 -11.65 -25.06 -23.83
N GLU C 253 -12.67 -25.01 -22.96
CA GLU C 253 -13.82 -25.91 -23.09
C GLU C 253 -14.28 -25.93 -24.54
N SER C 254 -14.44 -24.74 -25.09
CA SER C 254 -14.88 -24.58 -26.47
C SER C 254 -13.98 -25.35 -27.44
N VAL C 255 -12.66 -25.20 -27.29
CA VAL C 255 -11.71 -25.88 -28.17
C VAL C 255 -11.85 -27.39 -28.07
N MET C 256 -12.02 -27.89 -26.85
CA MET C 256 -12.17 -29.32 -26.66
C MET C 256 -13.30 -29.79 -27.56
N GLU C 257 -14.48 -29.18 -27.37
CA GLU C 257 -15.66 -29.49 -28.15
C GLU C 257 -15.31 -29.62 -29.61
N HIS C 258 -14.61 -28.62 -30.14
CA HIS C 258 -14.21 -28.65 -31.54
C HIS C 258 -13.49 -29.97 -31.82
N ILE C 259 -12.47 -30.27 -31.02
CA ILE C 259 -11.71 -31.51 -31.18
C ILE C 259 -12.73 -32.67 -31.14
N GLU C 260 -13.60 -32.62 -30.14
CA GLU C 260 -14.68 -33.58 -29.89
C GLU C 260 -14.33 -34.64 -28.84
N LYS D 5 -47.78 4.30 8.74
CA LYS D 5 -47.65 5.59 9.49
C LYS D 5 -47.12 6.69 8.53
N ILE D 6 -46.60 6.27 7.37
CA ILE D 6 -46.10 7.19 6.34
C ILE D 6 -46.63 6.70 4.98
N GLU D 7 -47.68 7.33 4.51
CA GLU D 7 -48.30 6.93 3.26
C GLU D 7 -47.74 7.49 1.96
N ALA D 8 -47.11 8.66 2.01
CA ALA D 8 -46.60 9.23 0.79
C ALA D 8 -45.26 9.93 0.90
N VAL D 9 -44.53 9.91 -0.22
CA VAL D 9 -43.23 10.57 -0.34
C VAL D 9 -43.35 11.43 -1.59
N ILE D 10 -43.03 12.71 -1.47
CA ILE D 10 -43.11 13.58 -2.64
C ILE D 10 -41.71 14.10 -3.02
N PHE D 11 -41.30 13.76 -4.24
CA PHE D 11 -39.98 14.11 -4.77
C PHE D 11 -39.91 15.39 -5.57
N ASP D 12 -38.72 15.98 -5.60
CA ASP D 12 -38.46 17.17 -6.40
C ASP D 12 -38.01 16.56 -7.74
N TRP D 13 -37.77 17.38 -8.76
CA TRP D 13 -37.33 16.82 -10.03
C TRP D 13 -35.82 16.98 -10.28
N ALA D 14 -35.44 18.01 -11.05
CA ALA D 14 -34.03 18.23 -11.36
C ALA D 14 -33.18 18.25 -10.11
N GLY D 15 -32.14 17.42 -10.10
CA GLY D 15 -31.23 17.31 -8.98
C GLY D 15 -31.66 16.29 -7.93
N THR D 16 -32.82 15.66 -8.13
CA THR D 16 -33.34 14.68 -7.18
C THR D 16 -33.68 13.34 -7.86
N THR D 17 -34.32 13.40 -9.02
CA THR D 17 -34.69 12.19 -9.76
C THR D 17 -34.24 12.30 -11.21
N VAL D 18 -34.01 13.53 -11.66
CA VAL D 18 -33.62 13.80 -13.03
C VAL D 18 -32.54 14.87 -13.07
N ASP D 19 -31.76 14.86 -14.15
CA ASP D 19 -30.69 15.83 -14.38
C ASP D 19 -29.69 15.93 -13.23
N TYR D 20 -28.82 14.92 -13.11
CA TYR D 20 -27.80 14.88 -12.07
C TYR D 20 -27.00 16.19 -12.07
N GLY D 21 -26.79 16.77 -10.89
CA GLY D 21 -26.05 18.01 -10.81
C GLY D 21 -26.86 19.20 -11.27
N CYS D 22 -27.95 18.94 -12.00
CA CYS D 22 -28.83 20.00 -12.49
C CYS D 22 -28.10 20.93 -13.46
N PHE D 23 -27.87 20.46 -14.69
CA PHE D 23 -27.14 21.24 -15.68
C PHE D 23 -27.89 21.89 -16.83
N ALA D 24 -29.08 21.41 -17.14
CA ALA D 24 -29.86 21.97 -18.23
C ALA D 24 -29.74 23.49 -18.35
N PRO D 25 -30.01 24.22 -17.26
CA PRO D 25 -29.93 25.69 -17.28
C PRO D 25 -28.54 26.24 -17.62
N LEU D 26 -27.51 25.70 -16.98
CA LEU D 26 -26.15 26.13 -17.23
C LEU D 26 -25.78 25.95 -18.70
N GLU D 27 -26.30 24.88 -19.28
CA GLU D 27 -26.05 24.57 -20.69
C GLU D 27 -26.54 25.67 -21.60
N VAL D 28 -27.75 26.16 -21.36
CA VAL D 28 -28.30 27.23 -22.20
C VAL D 28 -27.45 28.50 -22.10
N PHE D 29 -27.09 28.88 -20.88
CA PHE D 29 -26.28 30.07 -20.66
C PHE D 29 -24.97 29.98 -21.43
N MET D 30 -24.34 28.82 -21.37
CA MET D 30 -23.07 28.62 -22.06
C MET D 30 -23.22 28.68 -23.57
N GLU D 31 -24.34 28.13 -24.04
CA GLU D 31 -24.65 28.07 -25.45
C GLU D 31 -24.80 29.48 -26.03
N ILE D 32 -25.65 30.27 -25.40
CA ILE D 32 -25.96 31.62 -25.83
C ILE D 32 -24.77 32.53 -25.98
N PHE D 33 -23.82 32.43 -25.06
CA PHE D 33 -22.63 33.27 -25.16
C PHE D 33 -21.70 32.69 -26.20
N HIS D 34 -21.77 31.38 -26.38
CA HIS D 34 -20.93 30.69 -27.34
C HIS D 34 -21.21 31.11 -28.78
N LYS D 35 -22.49 31.18 -29.13
CA LYS D 35 -22.94 31.57 -30.45
C LYS D 35 -22.21 32.85 -30.91
N ARG D 36 -21.61 33.56 -29.96
CA ARG D 36 -20.85 34.79 -30.23
C ARG D 36 -19.48 34.59 -29.58
N GLY D 37 -18.98 35.62 -28.90
CA GLY D 37 -17.68 35.48 -28.24
C GLY D 37 -17.80 34.99 -26.80
N VAL D 38 -18.22 33.73 -26.64
CA VAL D 38 -18.42 33.10 -25.33
C VAL D 38 -17.28 33.21 -24.34
N ALA D 39 -16.60 32.09 -24.11
CA ALA D 39 -15.51 31.99 -23.17
C ALA D 39 -16.16 32.00 -21.79
N ILE D 40 -17.07 31.04 -21.56
CA ILE D 40 -17.75 30.98 -20.27
C ILE D 40 -17.73 29.59 -19.66
N THR D 41 -17.36 29.54 -18.38
CA THR D 41 -17.28 28.30 -17.63
C THR D 41 -18.58 28.05 -16.88
N ALA D 42 -18.93 26.78 -16.70
CA ALA D 42 -20.16 26.40 -15.99
C ALA D 42 -20.12 26.81 -14.54
N GLU D 43 -18.95 27.24 -14.08
CA GLU D 43 -18.78 27.66 -12.70
C GLU D 43 -19.31 29.09 -12.55
N GLU D 44 -19.14 29.89 -13.61
CA GLU D 44 -19.62 31.28 -13.64
C GLU D 44 -21.14 31.31 -13.77
N ALA D 45 -21.69 30.36 -14.52
CA ALA D 45 -23.12 30.27 -14.77
C ALA D 45 -23.96 29.92 -13.54
N ARG D 46 -23.34 29.35 -12.52
CA ARG D 46 -24.08 28.97 -11.31
C ARG D 46 -24.20 30.10 -10.31
N LYS D 47 -23.31 31.09 -10.40
CA LYS D 47 -23.34 32.20 -9.46
C LYS D 47 -24.64 33.00 -9.47
N PRO D 48 -25.07 33.50 -10.63
CA PRO D 48 -26.30 34.29 -10.72
C PRO D 48 -27.49 33.69 -9.97
N MET D 49 -27.94 34.40 -8.95
CA MET D 49 -29.10 33.98 -8.17
C MET D 49 -30.09 35.13 -8.05
N GLY D 50 -30.06 36.01 -9.06
CA GLY D 50 -30.95 37.16 -9.08
C GLY D 50 -32.41 36.77 -9.15
N LEU D 51 -33.29 37.76 -9.15
CA LEU D 51 -34.72 37.52 -9.18
C LEU D 51 -35.24 36.93 -10.49
N LEU D 52 -35.06 37.67 -11.58
CA LEU D 52 -35.53 37.24 -12.91
C LEU D 52 -34.43 36.68 -13.80
N ARG D 53 -34.82 35.94 -14.83
CA ARG D 53 -33.89 35.34 -15.78
C ARG D 53 -33.07 36.40 -16.49
N ILE D 54 -33.72 37.48 -16.89
CA ILE D 54 -33.03 38.56 -17.57
C ILE D 54 -31.93 39.10 -16.65
N ASP D 55 -32.23 39.12 -15.36
CA ASP D 55 -31.26 39.60 -14.37
C ASP D 55 -30.02 38.70 -14.39
N HIS D 56 -30.23 37.41 -14.69
CA HIS D 56 -29.13 36.46 -14.74
C HIS D 56 -28.21 36.81 -15.91
N VAL D 57 -28.81 36.99 -17.09
CA VAL D 57 -28.05 37.32 -18.28
C VAL D 57 -27.24 38.61 -18.05
N ARG D 58 -27.88 39.59 -17.42
CA ARG D 58 -27.24 40.87 -17.12
C ARG D 58 -26.03 40.68 -16.20
N ALA D 59 -26.19 39.80 -15.21
CA ALA D 59 -25.14 39.51 -14.24
C ALA D 59 -23.85 39.02 -14.91
N LEU D 60 -23.99 38.19 -15.93
CA LEU D 60 -22.84 37.66 -16.64
C LEU D 60 -22.18 38.80 -17.41
N THR D 61 -23.02 39.72 -17.89
CA THR D 61 -22.56 40.89 -18.63
C THR D 61 -21.64 41.67 -17.71
N GLU D 62 -22.15 41.95 -16.51
CA GLU D 62 -21.44 42.70 -15.47
C GLU D 62 -20.11 42.06 -15.05
N MET D 63 -20.09 40.73 -14.93
CA MET D 63 -18.90 40.01 -14.51
C MET D 63 -17.63 40.41 -15.25
N PRO D 64 -16.65 40.98 -14.52
CA PRO D 64 -15.39 41.39 -15.17
C PRO D 64 -14.81 40.12 -15.78
N ARG D 65 -13.93 40.27 -16.76
CA ARG D 65 -13.33 39.10 -17.42
C ARG D 65 -14.25 38.73 -18.58
N ILE D 66 -15.52 38.51 -18.27
CA ILE D 66 -16.49 38.20 -19.31
C ILE D 66 -16.73 39.50 -20.06
N ALA D 67 -16.87 40.59 -19.30
CA ALA D 67 -17.07 41.89 -19.90
C ALA D 67 -15.89 42.16 -20.84
N SER D 68 -14.69 42.05 -20.30
CA SER D 68 -13.45 42.28 -21.05
C SER D 68 -13.39 41.48 -22.35
N GLU D 69 -13.77 40.21 -22.26
CA GLU D 69 -13.78 39.32 -23.42
C GLU D 69 -14.71 39.89 -24.50
N TRP D 70 -15.93 40.25 -24.09
CA TRP D 70 -16.92 40.81 -25.00
C TRP D 70 -16.34 42.03 -25.70
N ASN D 71 -15.64 42.87 -24.94
CA ASN D 71 -15.03 44.07 -25.50
C ASN D 71 -13.95 43.79 -26.54
N ARG D 72 -13.16 42.75 -26.31
CA ARG D 72 -12.09 42.40 -27.23
C ARG D 72 -12.65 41.80 -28.52
N VAL D 73 -13.89 41.34 -28.45
CA VAL D 73 -14.53 40.74 -29.61
C VAL D 73 -15.38 41.72 -30.38
N PHE D 74 -15.97 42.68 -29.67
CA PHE D 74 -16.83 43.65 -30.30
C PHE D 74 -16.36 45.11 -30.14
N ARG D 75 -15.25 45.30 -29.44
CA ARG D 75 -14.70 46.64 -29.22
C ARG D 75 -15.69 47.55 -28.50
N GLN D 76 -16.69 46.94 -27.86
CA GLN D 76 -17.73 47.70 -27.15
C GLN D 76 -18.24 46.89 -25.96
N LEU D 77 -18.78 47.57 -24.95
CA LEU D 77 -19.33 46.86 -23.80
C LEU D 77 -20.75 46.42 -24.12
N PRO D 78 -21.20 45.31 -23.52
CA PRO D 78 -22.55 44.80 -23.76
C PRO D 78 -23.62 45.88 -23.61
N THR D 79 -24.67 45.76 -24.41
CA THR D 79 -25.79 46.71 -24.47
C THR D 79 -27.12 46.19 -23.94
N GLU D 80 -28.05 47.09 -23.63
CA GLU D 80 -29.38 46.67 -23.16
C GLU D 80 -29.94 45.89 -24.32
N ALA D 81 -29.70 46.41 -25.52
CA ALA D 81 -30.16 45.77 -26.73
C ALA D 81 -29.59 44.37 -26.76
N ASP D 82 -28.31 44.24 -26.45
CA ASP D 82 -27.65 42.94 -26.45
C ASP D 82 -28.21 41.99 -25.39
N ILE D 83 -28.28 42.46 -24.15
CA ILE D 83 -28.82 41.65 -23.07
C ILE D 83 -30.20 41.15 -23.48
N GLN D 84 -31.00 42.05 -24.03
CA GLN D 84 -32.36 41.74 -24.48
C GLN D 84 -32.37 40.69 -25.59
N GLU D 85 -31.43 40.79 -26.51
CA GLU D 85 -31.35 39.86 -27.62
C GLU D 85 -31.00 38.45 -27.16
N MET D 86 -30.11 38.34 -26.18
CA MET D 86 -29.70 37.03 -25.66
C MET D 86 -30.83 36.40 -24.85
N TYR D 87 -31.31 37.10 -23.83
CA TYR D 87 -32.39 36.57 -22.99
C TYR D 87 -33.54 36.04 -23.84
N GLU D 88 -33.93 36.83 -24.83
CA GLU D 88 -35.02 36.50 -25.73
C GLU D 88 -34.83 35.12 -26.33
N GLU D 89 -33.58 34.69 -26.38
CA GLU D 89 -33.20 33.41 -26.97
C GLU D 89 -33.11 32.26 -25.96
N PHE D 90 -32.96 32.61 -24.70
CA PHE D 90 -32.84 31.62 -23.63
C PHE D 90 -33.93 30.57 -23.63
N GLU D 91 -35.19 30.99 -23.66
CA GLU D 91 -36.29 30.05 -23.61
C GLU D 91 -36.38 29.14 -24.82
N GLU D 92 -35.97 29.65 -25.96
CA GLU D 92 -36.03 28.82 -27.16
C GLU D 92 -35.12 27.61 -27.01
N ILE D 93 -33.86 27.87 -26.69
CA ILE D 93 -32.85 26.84 -26.51
C ILE D 93 -33.17 25.87 -25.37
N LEU D 94 -33.71 26.41 -24.29
CA LEU D 94 -34.05 25.58 -23.14
C LEU D 94 -34.96 24.44 -23.55
N PHE D 95 -36.04 24.75 -24.26
CA PHE D 95 -36.97 23.72 -24.73
C PHE D 95 -36.25 22.69 -25.59
N ALA D 96 -35.31 23.18 -26.39
CA ALA D 96 -34.56 22.35 -27.32
C ALA D 96 -33.68 21.29 -26.70
N ILE D 97 -33.07 21.60 -25.55
CA ILE D 97 -32.17 20.64 -24.94
C ILE D 97 -32.67 19.91 -23.70
N LEU D 98 -33.86 20.25 -23.21
CA LEU D 98 -34.40 19.61 -22.03
C LEU D 98 -34.47 18.08 -22.15
N PRO D 99 -34.88 17.57 -23.32
CA PRO D 99 -34.94 16.10 -23.44
C PRO D 99 -33.63 15.41 -23.08
N ARG D 100 -32.52 16.09 -23.31
CA ARG D 100 -31.24 15.50 -23.02
C ARG D 100 -30.87 15.42 -21.54
N TYR D 101 -31.64 16.11 -20.70
CA TYR D 101 -31.38 16.09 -19.26
C TYR D 101 -32.62 15.62 -18.52
N ALA D 102 -33.15 14.48 -18.95
CA ALA D 102 -34.35 13.92 -18.35
C ALA D 102 -34.22 12.45 -18.02
N SER D 103 -33.03 12.01 -17.66
CA SER D 103 -32.83 10.61 -17.31
C SER D 103 -32.69 10.39 -15.83
N PRO D 104 -33.42 9.41 -15.30
CA PRO D 104 -33.40 9.07 -13.87
C PRO D 104 -31.97 9.07 -13.35
N ILE D 105 -31.77 9.66 -12.17
CA ILE D 105 -30.45 9.77 -11.56
C ILE D 105 -29.83 8.45 -11.11
N ASN D 106 -30.46 7.33 -11.41
CA ASN D 106 -29.86 6.04 -11.03
C ASN D 106 -29.88 5.75 -9.54
N GLY D 107 -30.60 4.68 -9.20
CA GLY D 107 -30.84 4.22 -7.83
C GLY D 107 -32.28 4.66 -7.62
N VAL D 108 -32.64 5.72 -8.33
CA VAL D 108 -33.96 6.29 -8.27
C VAL D 108 -35.02 5.25 -8.65
N LYS D 109 -35.18 5.01 -9.94
CA LYS D 109 -36.19 4.06 -10.43
C LYS D 109 -36.24 2.76 -9.64
N GLU D 110 -35.17 2.46 -8.91
CA GLU D 110 -35.10 1.25 -8.12
C GLU D 110 -35.74 1.39 -6.74
N VAL D 111 -35.66 2.58 -6.16
CA VAL D 111 -36.27 2.80 -4.86
C VAL D 111 -37.74 3.12 -5.11
N ILE D 112 -38.02 3.74 -6.25
CA ILE D 112 -39.40 4.07 -6.61
C ILE D 112 -40.07 2.74 -6.91
N ALA D 113 -39.27 1.79 -7.37
CA ALA D 113 -39.75 0.45 -7.69
C ALA D 113 -40.25 -0.09 -6.35
N SER D 114 -39.36 -0.07 -5.37
CA SER D 114 -39.72 -0.48 -4.02
C SER D 114 -40.62 0.67 -3.57
N LEU D 115 -40.87 0.81 -2.28
CA LEU D 115 -41.73 1.89 -1.80
C LEU D 115 -43.11 1.71 -2.42
N ARG D 116 -43.16 1.68 -3.75
CA ARG D 116 -44.41 1.49 -4.47
C ARG D 116 -44.86 0.03 -4.29
N GLU D 117 -43.92 -0.84 -4.00
CA GLU D 117 -44.21 -2.25 -3.78
C GLU D 117 -44.90 -2.38 -2.42
N ARG D 118 -44.39 -1.65 -1.43
CA ARG D 118 -44.95 -1.67 -0.08
C ARG D 118 -46.10 -0.68 0.12
N GLY D 119 -46.73 -0.27 -1.00
CA GLY D 119 -47.88 0.63 -0.96
C GLY D 119 -47.74 2.13 -0.69
N ILE D 120 -46.57 2.71 -0.96
CA ILE D 120 -46.37 4.13 -0.75
C ILE D 120 -46.70 4.90 -2.02
N LYS D 121 -47.45 5.99 -1.88
CA LYS D 121 -47.80 6.80 -3.03
C LYS D 121 -46.69 7.84 -3.29
N ILE D 122 -46.41 8.12 -4.56
CA ILE D 122 -45.35 9.06 -4.92
C ILE D 122 -45.86 10.28 -5.70
N GLY D 123 -45.70 11.46 -5.11
CA GLY D 123 -46.11 12.69 -5.75
C GLY D 123 -44.88 13.53 -6.02
N SER D 124 -45.04 14.80 -6.39
CA SER D 124 -43.89 15.64 -6.67
C SER D 124 -44.24 17.09 -6.93
N THR D 125 -43.24 17.97 -6.86
CA THR D 125 -43.42 19.39 -7.14
C THR D 125 -42.20 19.83 -7.96
N THR D 126 -42.21 21.07 -8.42
CA THR D 126 -41.10 21.57 -9.24
C THR D 126 -41.13 23.06 -9.40
N GLY D 127 -39.98 23.61 -9.83
CA GLY D 127 -39.89 25.04 -10.05
C GLY D 127 -40.16 25.30 -11.52
N TYR D 128 -40.14 24.22 -12.30
CA TYR D 128 -40.39 24.29 -13.74
C TYR D 128 -41.83 24.69 -14.06
N THR D 129 -42.02 25.34 -15.19
CA THR D 129 -43.35 25.75 -15.62
C THR D 129 -44.07 24.54 -16.21
N ARG D 130 -45.35 24.70 -16.53
CA ARG D 130 -46.11 23.60 -17.08
C ARG D 130 -45.53 23.13 -18.42
N GLU D 131 -45.20 24.10 -19.28
CA GLU D 131 -44.65 23.80 -20.59
C GLU D 131 -43.45 22.89 -20.45
N MET D 132 -42.39 23.44 -19.87
CA MET D 132 -41.16 22.71 -19.66
C MET D 132 -41.42 21.28 -19.20
N MET D 133 -42.29 21.14 -18.20
CA MET D 133 -42.63 19.84 -17.62
C MET D 133 -43.30 18.82 -18.55
N ASP D 134 -44.01 19.28 -19.58
CA ASP D 134 -44.64 18.34 -20.49
C ASP D 134 -43.53 17.57 -21.19
N ILE D 135 -42.51 18.30 -21.60
CA ILE D 135 -41.34 17.75 -22.27
C ILE D 135 -40.57 16.81 -21.35
N VAL D 136 -40.17 17.32 -20.19
CA VAL D 136 -39.41 16.54 -19.22
C VAL D 136 -40.10 15.27 -18.73
N ALA D 137 -41.39 15.39 -18.40
CA ALA D 137 -42.16 14.26 -17.91
C ALA D 137 -42.24 13.13 -18.93
N LYS D 138 -42.42 13.49 -20.21
CA LYS D 138 -42.50 12.49 -21.28
C LYS D 138 -41.20 11.71 -21.47
N GLU D 139 -40.07 12.42 -21.48
CA GLU D 139 -38.79 11.76 -21.65
C GLU D 139 -38.49 10.91 -20.43
N ALA D 140 -38.71 11.47 -19.26
CA ALA D 140 -38.46 10.77 -18.02
C ALA D 140 -39.33 9.54 -17.90
N ALA D 141 -40.59 9.67 -18.32
CA ALA D 141 -41.53 8.56 -18.26
C ALA D 141 -41.03 7.43 -19.15
N LEU D 142 -40.83 7.78 -20.41
CA LEU D 142 -40.35 6.85 -21.44
C LEU D 142 -38.93 6.39 -21.15
N GLN D 143 -38.56 6.33 -19.87
CA GLN D 143 -37.22 5.90 -19.47
C GLN D 143 -37.12 5.29 -18.09
N GLY D 144 -38.25 4.94 -17.49
CA GLY D 144 -38.21 4.31 -16.18
C GLY D 144 -38.68 5.11 -14.98
N TYR D 145 -39.13 6.36 -15.18
CA TYR D 145 -39.62 7.16 -14.07
C TYR D 145 -40.91 7.89 -14.38
N LYS D 146 -41.88 7.75 -13.49
CA LYS D 146 -43.18 8.38 -13.66
C LYS D 146 -43.91 8.38 -12.31
N PRO D 147 -44.04 9.55 -11.67
CA PRO D 147 -44.72 9.65 -10.37
C PRO D 147 -46.24 9.49 -10.48
N ASP D 148 -46.88 9.19 -9.35
CA ASP D 148 -48.33 9.02 -9.31
C ASP D 148 -49.01 10.36 -9.58
N PHE D 149 -48.36 11.46 -9.23
CA PHE D 149 -48.94 12.78 -9.45
C PHE D 149 -47.87 13.84 -9.73
N LEU D 150 -48.30 14.99 -10.24
CA LEU D 150 -47.39 16.08 -10.59
C LEU D 150 -48.04 17.45 -10.43
N VAL D 151 -47.34 18.41 -9.84
CA VAL D 151 -47.88 19.75 -9.65
C VAL D 151 -46.83 20.82 -9.99
N THR D 152 -47.24 21.95 -10.56
CA THR D 152 -46.32 23.02 -10.93
C THR D 152 -46.72 24.39 -10.36
N PRO D 153 -45.81 25.38 -10.38
CA PRO D 153 -46.15 26.70 -9.84
C PRO D 153 -47.32 27.35 -10.58
N ASP D 154 -47.75 26.75 -11.67
CA ASP D 154 -48.85 27.31 -12.43
C ASP D 154 -50.20 26.87 -11.87
N ASP D 155 -50.22 25.67 -11.30
CA ASP D 155 -51.44 25.11 -10.74
C ASP D 155 -51.84 25.68 -9.39
N VAL D 156 -51.13 26.70 -8.92
CA VAL D 156 -51.46 27.28 -7.63
C VAL D 156 -51.17 28.76 -7.59
N PRO D 157 -51.62 29.46 -6.52
CA PRO D 157 -51.38 30.90 -6.42
C PRO D 157 -49.94 31.37 -6.26
N ALA D 158 -49.04 30.50 -5.81
CA ALA D 158 -47.66 30.93 -5.63
C ALA D 158 -46.58 29.90 -5.97
N GLY D 159 -45.34 30.41 -5.94
CA GLY D 159 -44.16 29.62 -6.24
C GLY D 159 -43.82 28.54 -5.24
N ARG D 160 -42.52 28.32 -5.03
CA ARG D 160 -42.08 27.27 -4.15
C ARG D 160 -41.82 27.59 -2.70
N PRO D 161 -41.31 28.78 -2.38
CA PRO D 161 -41.16 28.87 -0.93
C PRO D 161 -42.45 28.45 -0.17
N TYR D 162 -43.62 28.71 -0.76
CA TYR D 162 -44.93 28.38 -0.16
C TYR D 162 -45.32 26.90 -0.27
N PRO D 163 -46.22 26.42 0.62
CA PRO D 163 -46.69 25.02 0.66
C PRO D 163 -47.88 24.60 -0.25
N TRP D 164 -48.38 25.53 -1.06
CA TRP D 164 -49.53 25.29 -1.95
C TRP D 164 -49.44 24.05 -2.85
N MET D 165 -48.28 23.80 -3.44
CA MET D 165 -48.12 22.62 -4.30
C MET D 165 -48.14 21.34 -3.49
N CYS D 166 -47.67 21.40 -2.26
CA CYS D 166 -47.68 20.21 -1.39
C CYS D 166 -49.12 19.85 -1.00
N TYR D 167 -49.92 20.83 -0.60
CA TYR D 167 -51.31 20.55 -0.24
C TYR D 167 -52.03 19.92 -1.44
N LYS D 168 -51.69 20.35 -2.66
CA LYS D 168 -52.33 19.78 -3.85
C LYS D 168 -52.03 18.31 -3.98
N ASN D 169 -50.77 17.94 -3.79
CA ASN D 169 -50.38 16.53 -3.84
C ASN D 169 -51.18 15.72 -2.83
N ALA D 170 -51.40 16.31 -1.66
CA ALA D 170 -52.15 15.69 -0.57
C ALA D 170 -53.60 15.34 -0.97
N MET D 171 -54.34 16.33 -1.46
CA MET D 171 -55.73 16.13 -1.88
C MET D 171 -55.85 15.06 -2.94
N GLU D 172 -55.10 15.24 -4.03
CA GLU D 172 -55.14 14.30 -5.14
C GLU D 172 -54.69 12.89 -4.77
N LEU D 173 -53.76 12.76 -3.83
CA LEU D 173 -53.28 11.43 -3.44
C LEU D 173 -54.12 10.81 -2.31
N GLY D 174 -54.90 11.64 -1.64
CA GLY D 174 -55.74 11.15 -0.55
C GLY D 174 -55.00 10.75 0.72
N VAL D 175 -53.99 11.52 1.10
CA VAL D 175 -53.22 11.25 2.32
C VAL D 175 -53.37 12.54 3.13
N TYR D 176 -53.74 12.48 4.41
CA TYR D 176 -53.90 13.77 5.05
C TYR D 176 -53.08 14.27 6.22
N PRO D 177 -52.96 13.49 7.32
CA PRO D 177 -52.13 14.14 8.36
C PRO D 177 -50.83 14.47 7.61
N MET D 178 -50.51 15.76 7.46
CA MET D 178 -49.29 16.14 6.71
C MET D 178 -48.02 15.44 7.16
N ASN D 179 -47.90 15.20 8.47
CA ASN D 179 -46.73 14.53 9.01
C ASN D 179 -46.71 13.04 8.71
N HIS D 180 -47.47 12.64 7.70
CA HIS D 180 -47.50 11.26 7.27
C HIS D 180 -46.83 11.23 5.90
N MET D 181 -46.27 12.37 5.53
CA MET D 181 -45.60 12.51 4.25
C MET D 181 -44.14 12.98 4.42
N ILE D 182 -43.29 12.63 3.46
CA ILE D 182 -41.90 13.05 3.49
C ILE D 182 -41.61 13.89 2.25
N LYS D 183 -40.80 14.94 2.41
CA LYS D 183 -40.41 15.80 1.29
C LYS D 183 -38.93 15.58 0.99
N VAL D 184 -38.60 15.23 -0.24
CA VAL D 184 -37.20 15.03 -0.60
C VAL D 184 -36.80 16.02 -1.69
N GLY D 185 -35.69 16.72 -1.47
CA GLY D 185 -35.21 17.70 -2.43
C GLY D 185 -33.70 17.89 -2.43
N ASP D 186 -33.21 18.67 -3.39
CA ASP D 186 -31.79 18.92 -3.53
C ASP D 186 -31.29 20.33 -3.23
N THR D 187 -32.17 21.22 -2.78
CA THR D 187 -31.72 22.59 -2.48
C THR D 187 -32.26 23.16 -1.17
N VAL D 188 -31.81 24.35 -0.82
CA VAL D 188 -32.26 24.98 0.40
C VAL D 188 -33.75 25.28 0.34
N SER D 189 -34.23 25.76 -0.81
CA SER D 189 -35.65 26.06 -0.94
C SER D 189 -36.50 24.81 -0.77
N ASP D 190 -35.95 23.65 -1.16
CA ASP D 190 -36.70 22.41 -1.00
C ASP D 190 -36.94 22.15 0.49
N MET D 191 -35.98 22.55 1.31
CA MET D 191 -36.12 22.34 2.75
C MET D 191 -37.24 23.23 3.28
N LYS D 192 -37.22 24.50 2.89
CA LYS D 192 -38.24 25.44 3.34
C LYS D 192 -39.65 25.01 2.96
N GLU D 193 -39.88 24.70 1.68
CA GLU D 193 -41.19 24.25 1.23
C GLU D 193 -41.68 23.13 2.14
N GLY D 194 -40.83 22.15 2.39
CA GLY D 194 -41.23 21.06 3.26
C GLY D 194 -41.59 21.46 4.68
N ARG D 195 -40.75 22.26 5.32
CA ARG D 195 -41.04 22.68 6.68
C ARG D 195 -42.32 23.50 6.72
N ASN D 196 -42.58 24.25 5.64
CA ASN D 196 -43.78 25.07 5.58
C ASN D 196 -45.09 24.30 5.41
N ALA D 197 -45.00 23.04 4.99
CA ALA D 197 -46.19 22.24 4.79
C ALA D 197 -46.38 21.25 5.96
N GLY D 198 -45.52 21.35 6.97
CA GLY D 198 -45.60 20.47 8.11
C GLY D 198 -45.24 19.03 7.81
N MET D 199 -44.30 18.83 6.88
CA MET D 199 -43.84 17.50 6.48
C MET D 199 -42.44 17.16 7.03
N TRP D 200 -42.08 15.88 6.95
CA TRP D 200 -40.75 15.44 7.35
C TRP D 200 -39.94 15.79 6.13
N THR D 201 -38.91 16.62 6.28
CA THR D 201 -38.13 16.98 5.11
C THR D 201 -36.68 16.43 5.11
N VAL D 202 -36.32 15.76 4.03
CA VAL D 202 -35.02 15.14 3.85
C VAL D 202 -34.26 15.69 2.62
N GLY D 203 -32.98 16.01 2.80
CA GLY D 203 -32.19 16.52 1.68
C GLY D 203 -31.14 15.55 1.16
N VAL D 204 -31.05 15.41 -0.16
CA VAL D 204 -30.06 14.52 -0.80
C VAL D 204 -28.84 15.35 -1.21
N ILE D 205 -27.64 14.81 -1.00
CA ILE D 205 -26.41 15.53 -1.33
C ILE D 205 -25.70 15.20 -2.65
N LEU D 206 -25.33 13.94 -2.86
CA LEU D 206 -24.65 13.57 -4.09
C LEU D 206 -25.53 13.69 -5.31
N GLY D 207 -25.31 14.74 -6.10
CA GLY D 207 -26.11 14.96 -7.30
C GLY D 207 -26.95 16.22 -7.21
N SER D 208 -26.87 16.90 -6.07
CA SER D 208 -27.64 18.11 -5.85
C SER D 208 -27.01 19.28 -6.55
N SER D 209 -27.70 20.41 -6.53
CA SER D 209 -27.20 21.65 -7.13
C SER D 209 -26.32 22.27 -6.07
N GLU D 210 -26.73 22.12 -4.82
CA GLU D 210 -25.99 22.66 -3.69
C GLU D 210 -24.55 22.15 -3.78
N LEU D 211 -24.36 20.90 -4.20
CA LEU D 211 -23.00 20.34 -4.35
C LEU D 211 -22.33 20.94 -5.60
N GLY D 212 -23.01 20.86 -6.74
CA GLY D 212 -22.46 21.44 -7.96
C GLY D 212 -21.54 20.57 -8.81
N LEU D 213 -21.29 19.35 -8.37
CA LEU D 213 -20.41 18.46 -9.13
C LEU D 213 -21.15 17.62 -10.14
N THR D 214 -20.40 17.15 -11.13
CA THR D 214 -20.90 16.32 -12.20
C THR D 214 -20.74 14.86 -11.84
N GLU D 215 -21.63 14.02 -12.35
CA GLU D 215 -21.58 12.58 -12.13
C GLU D 215 -20.12 12.13 -12.36
N GLU D 216 -19.52 12.66 -13.42
CA GLU D 216 -18.15 12.32 -13.78
C GLU D 216 -17.12 12.93 -12.83
N GLU D 217 -17.28 14.22 -12.50
CA GLU D 217 -16.35 14.87 -11.59
C GLU D 217 -16.27 14.14 -10.25
N VAL D 218 -17.42 13.76 -9.70
CA VAL D 218 -17.47 13.07 -8.42
C VAL D 218 -16.69 11.76 -8.52
N GLU D 219 -16.89 11.05 -9.64
CA GLU D 219 -16.22 9.79 -9.94
C GLU D 219 -14.74 9.86 -9.61
N ASN D 220 -14.12 10.94 -10.07
CA ASN D 220 -12.71 11.21 -9.85
C ASN D 220 -12.56 11.86 -8.47
N MET D 221 -12.10 13.12 -8.47
CA MET D 221 -11.88 13.92 -7.26
C MET D 221 -11.26 13.20 -6.06
N ASP D 222 -10.43 13.93 -5.32
CA ASP D 222 -9.76 13.40 -4.14
C ASP D 222 -10.78 12.97 -3.08
N SER D 223 -10.84 11.67 -2.83
CA SER D 223 -11.79 11.10 -1.85
C SER D 223 -11.90 11.85 -0.52
N VAL D 224 -10.83 12.52 -0.12
CA VAL D 224 -10.84 13.26 1.13
C VAL D 224 -11.39 14.67 0.93
N GLU D 225 -11.40 15.13 -0.32
CA GLU D 225 -11.91 16.47 -0.62
C GLU D 225 -13.42 16.39 -0.78
N LEU D 226 -13.90 15.24 -1.27
CA LEU D 226 -15.33 15.02 -1.45
C LEU D 226 -15.99 15.02 -0.09
N ARG D 227 -15.55 14.11 0.79
CA ARG D 227 -16.11 14.01 2.13
C ARG D 227 -16.07 15.34 2.88
N GLU D 228 -15.27 16.27 2.38
CA GLU D 228 -15.22 17.57 3.02
C GLU D 228 -16.33 18.43 2.42
N LYS D 229 -16.47 18.38 1.10
CA LYS D 229 -17.49 19.15 0.39
C LYS D 229 -18.90 18.65 0.69
N ILE D 230 -19.04 17.35 0.94
CA ILE D 230 -20.35 16.78 1.28
C ILE D 230 -20.75 17.35 2.64
N GLU D 231 -19.81 17.34 3.57
CA GLU D 231 -20.06 17.83 4.92
C GLU D 231 -20.50 19.29 4.94
N VAL D 232 -20.18 20.04 3.90
CA VAL D 232 -20.54 21.45 3.86
C VAL D 232 -22.01 21.60 3.46
N VAL D 233 -22.41 20.85 2.43
CA VAL D 233 -23.76 20.88 1.94
C VAL D 233 -24.72 20.35 3.01
N ARG D 234 -24.32 19.29 3.69
CA ARG D 234 -25.15 18.70 4.73
C ARG D 234 -25.44 19.71 5.83
N ASN D 235 -24.43 20.52 6.16
CA ASN D 235 -24.58 21.53 7.19
C ASN D 235 -25.51 22.65 6.78
N ARG D 236 -25.54 22.95 5.48
CA ARG D 236 -26.40 24.00 4.96
C ARG D 236 -27.86 23.54 5.02
N PHE D 237 -28.11 22.29 4.60
CA PHE D 237 -29.46 21.74 4.62
C PHE D 237 -30.06 21.82 6.01
N VAL D 238 -29.34 21.23 6.96
CA VAL D 238 -29.78 21.23 8.34
C VAL D 238 -30.07 22.63 8.84
N GLU D 239 -29.11 23.53 8.68
CA GLU D 239 -29.29 24.90 9.14
C GLU D 239 -30.48 25.58 8.46
N ASN D 240 -31.13 24.87 7.53
CA ASN D 240 -32.26 25.45 6.82
C ASN D 240 -33.56 24.67 6.91
N GLY D 241 -33.59 23.63 7.73
CA GLY D 241 -34.82 22.88 7.87
C GLY D 241 -34.79 21.36 7.76
N ALA D 242 -33.83 20.81 7.05
CA ALA D 242 -33.76 19.36 6.89
C ALA D 242 -33.86 18.62 8.21
N HIS D 243 -34.66 17.55 8.24
CA HIS D 243 -34.82 16.72 9.44
C HIS D 243 -33.74 15.64 9.38
N PHE D 244 -33.44 15.24 8.16
CA PHE D 244 -32.44 14.22 7.89
C PHE D 244 -31.81 14.49 6.53
N THR D 245 -30.56 14.07 6.36
CA THR D 245 -29.82 14.23 5.11
C THR D 245 -29.35 12.84 4.67
N ILE D 246 -29.13 12.68 3.37
CA ILE D 246 -28.67 11.39 2.85
C ILE D 246 -27.81 11.62 1.60
N GLU D 247 -26.79 10.78 1.41
CA GLU D 247 -25.89 10.93 0.27
C GLU D 247 -26.49 10.44 -1.04
N THR D 248 -27.23 9.35 -1.00
CA THR D 248 -27.88 8.84 -2.21
C THR D 248 -29.25 8.36 -1.81
N MET D 249 -30.17 8.37 -2.77
CA MET D 249 -31.54 7.96 -2.52
C MET D 249 -31.60 6.64 -1.78
N GLN D 250 -30.56 5.84 -1.92
CA GLN D 250 -30.54 4.55 -1.29
C GLN D 250 -30.46 4.51 0.23
N GLU D 251 -30.73 5.63 0.89
CA GLU D 251 -30.73 5.66 2.34
C GLU D 251 -32.13 6.05 2.81
N LEU D 252 -33.00 6.39 1.85
CA LEU D 252 -34.37 6.82 2.13
C LEU D 252 -35.16 5.79 2.94
N GLU D 253 -35.28 4.57 2.43
CA GLU D 253 -36.01 3.50 3.11
C GLU D 253 -35.61 3.49 4.59
N SER D 254 -34.30 3.49 4.80
CA SER D 254 -33.74 3.48 6.15
C SER D 254 -34.28 4.63 6.99
N VAL D 255 -34.29 5.84 6.44
CA VAL D 255 -34.78 7.00 7.18
C VAL D 255 -36.24 6.85 7.56
N MET D 256 -37.04 6.33 6.62
CA MET D 256 -38.46 6.12 6.90
C MET D 256 -38.57 5.30 8.17
N GLU D 257 -37.94 4.13 8.15
CA GLU D 257 -37.94 3.22 9.29
C GLU D 257 -37.70 3.98 10.57
N HIS D 258 -36.65 4.80 10.58
CA HIS D 258 -36.33 5.59 11.76
C HIS D 258 -37.58 6.37 12.18
N ILE D 259 -38.17 7.11 11.24
CA ILE D 259 -39.38 7.88 11.54
C ILE D 259 -40.42 6.90 12.11
N GLU D 260 -40.56 5.76 11.41
CA GLU D 260 -41.47 4.67 11.77
C GLU D 260 -42.80 4.70 11.00
P PO4 E . 33.76 2.56 9.66
O1 PO4 E . 33.89 4.05 9.60
O2 PO4 E . 33.21 2.07 8.37
O3 PO4 E . 35.08 1.95 9.90
O4 PO4 E . 32.84 2.20 10.77
MG MG F . 34.08 6.22 8.89
P PO4 G . -5.19 -8.16 18.35
O1 PO4 G . -6.13 -7.17 17.75
O2 PO4 G . -4.67 -7.63 19.64
O3 PO4 G . -5.91 -9.43 18.60
O4 PO4 G . -4.07 -8.40 17.42
MG MG H . -7.59 -5.43 17.42
P PO4 I . 7.51 -22.48 -16.19
O1 PO4 I . 6.56 -21.79 -17.10
O2 PO4 I . 8.77 -22.76 -16.92
O3 PO4 I . 7.79 -21.63 -15.02
O4 PO4 I . 6.91 -23.76 -15.73
MG MG J . 5.63 -20.59 -18.82
P PO4 K . -36.31 21.90 -10.14
O1 PO4 K . -35.32 21.25 -9.24
O2 PO4 K . -36.48 23.32 -9.76
O3 PO4 K . -35.84 21.83 -11.54
O4 PO4 K . -37.62 21.20 -10.03
MG MG L . -33.63 20.86 -7.75
#